data_7TFP
#
_entry.id   7TFP
#
_cell.length_a   115.170
_cell.length_b   115.170
_cell.length_c   186.810
_cell.angle_alpha   90.00
_cell.angle_beta   90.00
_cell.angle_gamma   120.00
#
_symmetry.space_group_name_H-M   'P 32 2 1'
#
loop_
_entity.id
_entity.type
_entity.pdbx_description
1 polymer 'Ornithine aminotransferase, mitochondrial'
2 non-polymer "PYRIDOXAL-5'-PHOSPHATE"
3 non-polymer '(1S,3S,4S)-3-amino-4-(fluoromethyl)cyclopentane-1-carboxylic acid'
4 water water
#
_entity_poly.entity_id   1
_entity_poly.type   'polypeptide(L)'
_entity_poly.pdbx_seq_one_letter_code
;GPPTSDDIFEREYKYGAHNYHPLPVALERGKGIYLWDVEGRKYFDFLSSYSAVNQGHCHPKIVNALKSQVDKLTLTSRAF
YNNVLGEYEEYITKLFNYHKVLPMNTGVEAGETACKLARKWGYTVKGIQKYKAKIVFAAGNFWGRTLSAISSSTDPTSYD
GFGPFMPGFDIIPYNDLPALERALQDPNVAAFMVEPIQGEAGVVVPDPGYLMGVRELCTRHQVLFIADEIQTGLARTGRW
LAVDYENVRPDIVLLGKALSGGLYPVSAVLCDDDIMLTIKPGEHGSTYGGNPLGCRVAIAALEVLEEENLAENADKLGII
LRNELMKLPSDVVTAVRGKGLLNAIVIKETKDWDAWKVCLRLRDNGLLAKPTHGDIIRFAPPLVIKEDELRESIEIINKT
ILSF
;
_entity_poly.pdbx_strand_id   A,B,C
#
# COMPACT_ATOMS: atom_id res chain seq x y z
N PRO A 3 -29.30 23.70 -24.85
CA PRO A 3 -29.26 22.38 -24.21
C PRO A 3 -28.08 21.54 -24.69
N THR A 4 -26.87 21.93 -24.29
CA THR A 4 -25.66 21.27 -24.76
C THR A 4 -25.22 20.18 -23.77
N SER A 5 -24.07 19.58 -24.06
CA SER A 5 -23.59 18.46 -23.24
C SER A 5 -22.88 18.93 -21.98
N ASP A 6 -21.96 19.90 -22.11
CA ASP A 6 -21.22 20.36 -20.95
C ASP A 6 -22.13 21.01 -19.91
N ASP A 7 -23.27 21.57 -20.34
CA ASP A 7 -24.26 22.03 -19.39
C ASP A 7 -24.84 20.86 -18.59
N ILE A 8 -25.05 19.72 -19.26
CA ILE A 8 -25.55 18.53 -18.56
C ILE A 8 -24.51 18.03 -17.58
N PHE A 9 -23.23 18.05 -17.98
CA PHE A 9 -22.17 17.57 -17.10
C PHE A 9 -22.07 18.43 -15.83
N GLU A 10 -21.98 19.75 -16.00
CA GLU A 10 -21.81 20.64 -14.86
C GLU A 10 -23.06 20.70 -13.99
N ARG A 11 -24.24 20.58 -14.60
CA ARG A 11 -25.47 20.68 -13.83
C ARG A 11 -25.69 19.42 -12.99
N GLU A 12 -25.37 18.24 -13.54
CA GLU A 12 -25.39 17.03 -12.73
C GLU A 12 -24.32 17.08 -11.64
N TYR A 13 -23.18 17.70 -11.93
CA TYR A 13 -22.15 17.86 -10.92
C TYR A 13 -22.57 18.79 -9.81
N LYS A 14 -23.48 19.72 -10.10
CA LYS A 14 -23.89 20.71 -9.11
C LYS A 14 -25.08 20.25 -8.28
N TYR A 15 -26.04 19.56 -8.90
CA TYR A 15 -27.27 19.17 -8.22
C TYR A 15 -27.37 17.66 -8.00
N GLY A 16 -26.34 16.89 -8.33
CA GLY A 16 -26.37 15.46 -8.14
C GLY A 16 -25.17 14.98 -7.34
N ALA A 17 -25.36 13.84 -6.69
CA ALA A 17 -24.30 13.27 -5.88
C ALA A 17 -23.12 12.83 -6.74
N HIS A 18 -21.92 12.92 -6.18
CA HIS A 18 -20.70 12.54 -6.88
C HIS A 18 -20.34 11.07 -6.67
N ASN A 19 -21.31 10.17 -6.75
CA ASN A 19 -21.06 8.75 -6.55
C ASN A 19 -20.67 8.01 -7.82
N TYR A 20 -20.60 8.70 -8.96
CA TYR A 20 -20.19 8.10 -10.21
C TYR A 20 -19.19 9.00 -10.92
N HIS A 21 -18.31 8.39 -11.70
CA HIS A 21 -17.40 9.08 -12.61
C HIS A 21 -17.65 8.52 -14.01
N PRO A 22 -18.75 8.90 -14.65
CA PRO A 22 -19.12 8.28 -15.92
C PRO A 22 -18.33 8.84 -17.09
N LEU A 23 -18.52 8.21 -18.24
CA LEU A 23 -17.83 8.63 -19.46
C LEU A 23 -18.50 9.90 -20.00
N PRO A 24 -17.72 10.92 -20.40
CA PRO A 24 -18.33 12.17 -20.87
C PRO A 24 -19.10 12.01 -22.17
N VAL A 25 -20.37 11.64 -22.06
CA VAL A 25 -21.29 11.59 -23.20
C VAL A 25 -22.72 11.61 -22.68
N ALA A 26 -23.53 12.52 -23.21
CA ALA A 26 -24.89 12.73 -22.72
C ALA A 26 -25.88 12.13 -23.72
N LEU A 27 -26.18 10.85 -23.54
CA LEU A 27 -27.10 10.16 -24.44
C LEU A 27 -28.53 10.63 -24.21
N GLU A 28 -29.24 10.87 -25.31
CA GLU A 28 -30.63 11.32 -25.27
C GLU A 28 -31.59 10.33 -25.88
N ARG A 29 -31.21 9.68 -26.97
CA ARG A 29 -32.06 8.71 -27.65
C ARG A 29 -31.37 7.35 -27.69
N GLY A 30 -32.17 6.31 -27.91
CA GLY A 30 -31.64 4.96 -28.00
C GLY A 30 -32.62 3.97 -28.57
N LYS A 31 -32.18 3.20 -29.58
CA LYS A 31 -33.01 2.17 -30.19
C LYS A 31 -32.12 1.05 -30.70
N GLY A 32 -32.46 -0.18 -30.36
CA GLY A 32 -31.69 -1.31 -30.81
C GLY A 32 -30.30 -1.29 -30.22
N ILE A 33 -29.29 -1.22 -31.08
CA ILE A 33 -27.89 -1.21 -30.67
C ILE A 33 -27.27 0.17 -30.75
N TYR A 34 -28.06 1.20 -31.07
CA TYR A 34 -27.55 2.54 -31.29
C TYR A 34 -28.02 3.49 -30.19
N LEU A 35 -27.18 4.46 -29.88
CA LEU A 35 -27.47 5.51 -28.92
C LEU A 35 -27.07 6.85 -29.51
N TRP A 36 -27.96 7.84 -29.40
CA TRP A 36 -27.72 9.18 -29.90
C TRP A 36 -27.60 10.14 -28.72
N ASP A 37 -26.60 11.02 -28.77
CA ASP A 37 -26.43 12.03 -27.73
C ASP A 37 -27.26 13.26 -28.08
N VAL A 38 -27.07 14.34 -27.31
CA VAL A 38 -27.90 15.52 -27.52
C VAL A 38 -27.49 16.29 -28.78
N GLU A 39 -26.21 16.24 -29.15
CA GLU A 39 -25.77 16.91 -30.37
C GLU A 39 -26.05 16.12 -31.63
N GLY A 40 -26.65 14.93 -31.51
CA GLY A 40 -27.05 14.13 -32.65
C GLY A 40 -26.08 13.04 -33.04
N ARG A 41 -24.91 12.97 -32.42
CA ARG A 41 -23.92 11.97 -32.78
C ARG A 41 -24.42 10.58 -32.43
N LYS A 42 -24.10 9.61 -33.28
CA LYS A 42 -24.55 8.24 -33.15
C LYS A 42 -23.40 7.37 -32.61
N TYR A 43 -23.75 6.45 -31.72
CA TYR A 43 -22.75 5.59 -31.08
C TYR A 43 -23.24 4.14 -31.07
N PHE A 44 -22.29 3.21 -31.20
CA PHE A 44 -22.56 1.81 -30.92
C PHE A 44 -22.57 1.60 -29.41
N ASP A 45 -23.60 0.94 -28.91
CA ASP A 45 -23.69 0.62 -27.48
C ASP A 45 -23.06 -0.74 -27.24
N PHE A 46 -21.86 -0.73 -26.64
CA PHE A 46 -21.16 -1.97 -26.31
C PHE A 46 -21.07 -2.20 -24.82
N LEU A 47 -21.94 -1.57 -24.04
CA LEU A 47 -22.11 -1.86 -22.62
C LEU A 47 -23.44 -2.50 -22.30
N SER A 48 -24.49 -2.15 -23.04
CA SER A 48 -25.84 -2.71 -22.86
C SER A 48 -26.37 -2.44 -21.45
N SER A 49 -25.96 -1.33 -20.86
CA SER A 49 -26.35 -0.95 -19.50
C SER A 49 -26.07 -2.09 -18.52
N TYR A 50 -24.86 -2.66 -18.64
CA TYR A 50 -24.47 -3.85 -17.89
C TYR A 50 -25.43 -5.00 -18.16
N SER A 51 -25.67 -5.26 -19.45
CA SER A 51 -26.54 -6.33 -19.94
C SER A 51 -27.99 -6.14 -19.54
N ALA A 52 -28.41 -4.91 -19.24
CA ALA A 52 -29.81 -4.65 -18.91
C ALA A 52 -30.69 -4.49 -20.13
N VAL A 53 -30.11 -4.11 -21.28
CA VAL A 53 -30.87 -4.00 -22.52
C VAL A 53 -30.35 -5.01 -23.53
N ASN A 54 -30.38 -6.29 -23.15
CA ASN A 54 -29.96 -7.35 -24.07
C ASN A 54 -30.83 -7.37 -25.33
N GLN A 55 -32.11 -7.05 -25.19
CA GLN A 55 -33.03 -7.00 -26.31
C GLN A 55 -32.94 -5.69 -27.08
N GLY A 56 -31.94 -4.87 -26.82
CA GLY A 56 -31.81 -3.58 -27.46
C GLY A 56 -32.59 -2.49 -26.75
N HIS A 57 -32.18 -1.25 -27.00
CA HIS A 57 -32.84 -0.10 -26.40
C HIS A 57 -34.25 0.05 -26.96
N CYS A 58 -35.24 0.07 -26.07
CA CYS A 58 -36.64 0.30 -26.44
C CYS A 58 -37.12 -0.71 -27.48
N HIS A 59 -36.99 -1.99 -27.15
CA HIS A 59 -37.52 -3.03 -28.01
C HIS A 59 -39.02 -2.85 -28.14
N PRO A 60 -39.59 -2.92 -29.36
CA PRO A 60 -40.98 -2.48 -29.54
C PRO A 60 -42.00 -3.33 -28.78
N LYS A 61 -41.81 -4.65 -28.72
CA LYS A 61 -42.79 -5.50 -28.05
C LYS A 61 -42.85 -5.20 -26.56
N ILE A 62 -41.70 -4.90 -25.95
CA ILE A 62 -41.69 -4.54 -24.54
C ILE A 62 -42.34 -3.18 -24.33
N VAL A 63 -42.09 -2.24 -25.25
CA VAL A 63 -42.71 -0.92 -25.16
C VAL A 63 -44.23 -1.03 -25.29
N ASN A 64 -44.70 -1.88 -26.20
CA ASN A 64 -46.14 -2.03 -26.40
C ASN A 64 -46.80 -2.63 -25.16
N ALA A 65 -46.13 -3.60 -24.53
CA ALA A 65 -46.67 -4.21 -23.32
C ALA A 65 -46.70 -3.19 -22.17
N LEU A 66 -45.69 -2.33 -22.09
CA LEU A 66 -45.68 -1.29 -21.06
C LEU A 66 -46.78 -0.26 -21.31
N LYS A 67 -46.93 0.17 -22.56
CA LYS A 67 -47.95 1.15 -22.89
C LYS A 67 -49.36 0.58 -22.74
N SER A 68 -49.51 -0.74 -22.96
CA SER A 68 -50.83 -1.34 -22.80
C SER A 68 -51.20 -1.48 -21.32
N GLN A 69 -50.24 -1.80 -20.47
CA GLN A 69 -50.53 -2.02 -19.06
C GLN A 69 -50.63 -0.73 -18.28
N VAL A 70 -49.93 0.32 -18.72
CA VAL A 70 -49.97 1.59 -17.98
C VAL A 70 -51.36 2.21 -18.05
N ASP A 71 -52.14 1.90 -19.09
CA ASP A 71 -53.50 2.41 -19.19
C ASP A 71 -54.48 1.64 -18.34
N LYS A 72 -54.11 0.45 -17.87
CA LYS A 72 -55.01 -0.40 -17.09
C LYS A 72 -54.70 -0.36 -15.60
N LEU A 73 -53.47 -0.70 -15.22
CA LEU A 73 -53.12 -0.78 -13.81
C LEU A 73 -51.61 -0.75 -13.68
N THR A 74 -51.12 -0.13 -12.60
CA THR A 74 -49.69 0.05 -12.39
C THR A 74 -49.19 -0.58 -11.12
N LEU A 75 -49.83 -0.30 -9.98
CA LEU A 75 -49.36 -0.84 -8.71
C LEU A 75 -50.52 -0.89 -7.72
N THR A 76 -50.73 -2.06 -7.11
CA THR A 76 -51.76 -2.24 -6.09
C THR A 76 -51.18 -2.64 -4.74
N SER A 77 -49.87 -2.83 -4.64
CA SER A 77 -49.18 -3.38 -3.47
C SER A 77 -49.60 -4.83 -3.24
N ARG A 78 -48.68 -5.64 -2.72
CA ARG A 78 -48.95 -7.06 -2.50
C ARG A 78 -49.93 -7.32 -1.36
N ALA A 79 -50.54 -6.27 -0.77
CA ALA A 79 -51.59 -6.50 0.22
C ALA A 79 -52.87 -6.98 -0.41
N PHE A 80 -53.00 -6.87 -1.74
CA PHE A 80 -54.10 -7.44 -2.51
C PHE A 80 -53.51 -8.28 -3.63
N TYR A 81 -54.38 -8.94 -4.39
CA TYR A 81 -53.98 -9.70 -5.57
C TYR A 81 -54.15 -8.85 -6.83
N ASN A 82 -53.40 -9.21 -7.86
CA ASN A 82 -53.61 -8.66 -9.19
C ASN A 82 -53.48 -9.79 -10.21
N ASN A 83 -54.01 -9.54 -11.41
CA ASN A 83 -54.16 -10.59 -12.41
C ASN A 83 -52.90 -10.85 -13.22
N VAL A 84 -51.85 -10.06 -13.04
CA VAL A 84 -50.69 -10.16 -13.93
C VAL A 84 -49.52 -10.82 -13.22
N LEU A 85 -49.36 -10.57 -11.92
CA LEU A 85 -48.23 -11.10 -11.18
C LEU A 85 -48.14 -12.61 -11.30
N GLY A 86 -49.24 -13.31 -11.03
CA GLY A 86 -49.23 -14.76 -11.14
C GLY A 86 -48.99 -15.25 -12.54
N GLU A 87 -49.46 -14.50 -13.54
CA GLU A 87 -49.24 -14.90 -14.93
C GLU A 87 -47.76 -14.86 -15.28
N TYR A 88 -47.05 -13.83 -14.81
CA TYR A 88 -45.61 -13.78 -14.98
C TYR A 88 -44.91 -14.85 -14.16
N GLU A 89 -45.45 -15.15 -12.97
CA GLU A 89 -44.83 -16.17 -12.12
C GLU A 89 -44.87 -17.54 -12.78
N GLU A 90 -46.03 -17.93 -13.31
CA GLU A 90 -46.14 -19.23 -13.96
C GLU A 90 -45.27 -19.30 -15.21
N TYR A 91 -45.19 -18.21 -15.96
CA TYR A 91 -44.40 -18.20 -17.19
C TYR A 91 -42.92 -18.38 -16.89
N ILE A 92 -42.39 -17.66 -15.90
CA ILE A 92 -40.96 -17.74 -15.62
C ILE A 92 -40.61 -19.03 -14.89
N THR A 93 -41.53 -19.57 -14.08
CA THR A 93 -41.25 -20.81 -13.38
C THR A 93 -41.23 -21.99 -14.33
N LYS A 94 -42.17 -22.05 -15.27
CA LYS A 94 -42.15 -23.08 -16.29
C LYS A 94 -41.02 -22.89 -17.29
N LEU A 95 -40.55 -21.65 -17.46
CA LEU A 95 -39.46 -21.39 -18.40
C LEU A 95 -38.15 -21.95 -17.88
N PHE A 96 -37.81 -21.68 -16.62
CA PHE A 96 -36.58 -22.14 -16.01
C PHE A 96 -36.75 -23.43 -15.22
N ASN A 97 -37.98 -23.95 -15.15
CA ASN A 97 -38.28 -25.25 -14.54
C ASN A 97 -37.88 -25.28 -13.05
N TYR A 98 -38.48 -24.36 -12.30
CA TYR A 98 -38.39 -24.35 -10.85
C TYR A 98 -39.80 -24.29 -10.26
N HIS A 99 -39.91 -24.62 -8.98
CA HIS A 99 -41.22 -24.70 -8.35
C HIS A 99 -41.85 -23.32 -8.20
N LYS A 100 -41.13 -22.37 -7.61
CA LYS A 100 -41.69 -21.06 -7.32
C LYS A 100 -40.66 -19.97 -7.61
N VAL A 101 -41.15 -18.74 -7.74
CA VAL A 101 -40.32 -17.57 -7.97
C VAL A 101 -40.76 -16.49 -6.99
N LEU A 102 -39.80 -15.70 -6.51
CA LEU A 102 -40.09 -14.57 -5.63
C LEU A 102 -39.72 -13.28 -6.34
N PRO A 103 -40.69 -12.39 -6.58
CA PRO A 103 -40.38 -11.18 -7.35
C PRO A 103 -39.89 -10.02 -6.50
N MET A 104 -38.75 -9.46 -6.86
CA MET A 104 -38.24 -8.22 -6.29
C MET A 104 -38.02 -7.22 -7.45
N ASN A 105 -37.37 -6.10 -7.14
CA ASN A 105 -37.17 -5.04 -8.11
C ASN A 105 -35.74 -5.00 -8.63
N THR A 106 -34.77 -4.78 -7.75
CA THR A 106 -33.38 -4.58 -8.16
C THR A 106 -32.55 -5.84 -7.88
N GLY A 107 -31.30 -5.78 -8.33
CA GLY A 107 -30.40 -6.91 -8.14
C GLY A 107 -30.02 -7.11 -6.68
N VAL A 108 -29.82 -6.01 -5.95
CA VAL A 108 -29.54 -6.10 -4.52
C VAL A 108 -30.63 -6.89 -3.81
N GLU A 109 -31.89 -6.59 -4.12
CA GLU A 109 -33.00 -7.24 -3.44
C GLU A 109 -33.05 -8.73 -3.76
N ALA A 110 -32.67 -9.12 -4.98
CA ALA A 110 -32.65 -10.53 -5.32
C ALA A 110 -31.58 -11.27 -4.52
N GLY A 111 -30.42 -10.64 -4.33
CA GLY A 111 -29.39 -11.25 -3.51
C GLY A 111 -29.75 -11.28 -2.04
N GLU A 112 -30.37 -10.20 -1.55
CA GLU A 112 -30.84 -10.19 -0.16
C GLU A 112 -31.89 -11.26 0.07
N THR A 113 -32.79 -11.45 -0.90
CA THR A 113 -33.80 -12.50 -0.77
C THR A 113 -33.16 -13.88 -0.76
N ALA A 114 -32.14 -14.09 -1.59
CA ALA A 114 -31.44 -15.37 -1.61
C ALA A 114 -30.71 -15.62 -0.30
N CYS A 115 -30.14 -14.57 0.30
CA CYS A 115 -29.44 -14.74 1.58
C CYS A 115 -30.43 -15.09 2.69
N LYS A 116 -31.57 -14.40 2.74
CA LYS A 116 -32.55 -14.69 3.78
C LYS A 116 -33.18 -16.05 3.58
N LEU A 117 -33.39 -16.46 2.33
CA LEU A 117 -33.88 -17.81 2.06
C LEU A 117 -32.90 -18.86 2.54
N ALA A 118 -31.61 -18.66 2.27
CA ALA A 118 -30.59 -19.62 2.68
C ALA A 118 -30.50 -19.73 4.19
N ARG A 119 -30.56 -18.60 4.88
CA ARG A 119 -30.46 -18.60 6.34
C ARG A 119 -31.69 -19.25 6.98
N LYS A 120 -32.89 -18.84 6.53
CA LYS A 120 -34.11 -19.45 7.03
C LYS A 120 -34.14 -20.95 6.77
N TRP A 121 -33.63 -21.36 5.60
CA TRP A 121 -33.56 -22.78 5.28
C TRP A 121 -32.56 -23.49 6.19
N GLY A 122 -31.43 -22.85 6.48
CA GLY A 122 -30.43 -23.46 7.33
C GLY A 122 -30.88 -23.66 8.76
N TYR A 123 -31.83 -22.84 9.21
CA TYR A 123 -32.31 -22.93 10.58
C TYR A 123 -33.51 -23.86 10.73
N THR A 124 -34.44 -23.82 9.76
CA THR A 124 -35.64 -24.63 9.85
C THR A 124 -35.52 -25.99 9.19
N VAL A 125 -34.55 -26.18 8.29
CA VAL A 125 -34.36 -27.43 7.57
C VAL A 125 -33.02 -28.08 7.91
N LYS A 126 -31.92 -27.35 7.74
CA LYS A 126 -30.61 -27.92 8.00
C LYS A 126 -30.35 -28.15 9.49
N GLY A 127 -31.01 -27.39 10.36
CA GLY A 127 -30.84 -27.58 11.79
C GLY A 127 -29.71 -26.79 12.40
N ILE A 128 -29.23 -25.74 11.74
CA ILE A 128 -28.17 -24.91 12.31
C ILE A 128 -28.70 -24.16 13.52
N GLN A 129 -27.88 -24.08 14.57
CA GLN A 129 -28.22 -23.25 15.71
C GLN A 129 -28.46 -21.82 15.26
N LYS A 130 -29.52 -21.21 15.79
CA LYS A 130 -30.03 -19.98 15.23
C LYS A 130 -29.00 -18.85 15.30
N TYR A 131 -28.89 -18.12 14.19
CA TYR A 131 -27.99 -16.97 14.06
C TYR A 131 -26.52 -17.37 14.15
N LYS A 132 -26.21 -18.61 13.78
CA LYS A 132 -24.84 -19.08 13.64
C LYS A 132 -24.51 -19.50 12.21
N ALA A 133 -25.46 -19.39 11.28
CA ALA A 133 -25.22 -19.83 9.92
C ALA A 133 -24.31 -18.84 9.19
N LYS A 134 -23.60 -19.35 8.19
CA LYS A 134 -22.69 -18.55 7.38
C LYS A 134 -22.93 -18.80 5.91
N ILE A 135 -22.61 -17.81 5.09
CA ILE A 135 -22.75 -17.88 3.64
C ILE A 135 -21.39 -17.57 3.01
N VAL A 136 -21.01 -18.37 2.02
CA VAL A 136 -19.71 -18.25 1.38
C VAL A 136 -19.86 -17.47 0.07
N PHE A 137 -18.90 -16.59 -0.19
CA PHE A 137 -18.89 -15.79 -1.42
C PHE A 137 -17.52 -15.91 -2.07
N ALA A 138 -17.50 -15.83 -3.39
CA ALA A 138 -16.24 -15.88 -4.13
C ALA A 138 -15.57 -14.52 -4.14
N ALA A 139 -14.24 -14.52 -4.02
CA ALA A 139 -13.49 -13.27 -4.02
C ALA A 139 -13.64 -12.56 -5.35
N GLY A 140 -13.85 -11.25 -5.29
CA GLY A 140 -14.11 -10.46 -6.48
C GLY A 140 -15.55 -10.45 -6.94
N ASN A 141 -16.48 -10.87 -6.10
CA ASN A 141 -17.89 -10.92 -6.48
C ASN A 141 -18.52 -9.53 -6.40
N PHE A 142 -19.63 -9.39 -7.13
CA PHE A 142 -20.42 -8.16 -7.06
C PHE A 142 -21.89 -8.53 -7.26
N TRP A 143 -22.69 -8.30 -6.23
CA TRP A 143 -24.13 -8.54 -6.29
C TRP A 143 -24.88 -7.34 -5.71
N GLY A 144 -24.35 -6.15 -5.93
CA GLY A 144 -24.98 -4.94 -5.49
C GLY A 144 -24.14 -4.17 -4.49
N ARG A 145 -24.77 -3.14 -3.90
CA ARG A 145 -24.04 -2.20 -3.06
C ARG A 145 -24.79 -1.87 -1.77
N THR A 146 -25.57 -2.81 -1.23
CA THR A 146 -26.12 -2.62 0.10
C THR A 146 -25.04 -2.94 1.14
N LEU A 147 -25.38 -2.75 2.42
CA LEU A 147 -24.44 -3.07 3.48
C LEU A 147 -24.06 -4.55 3.46
N SER A 148 -25.05 -5.42 3.23
CA SER A 148 -24.75 -6.85 3.15
C SER A 148 -23.93 -7.17 1.91
N ALA A 149 -24.20 -6.47 0.80
CA ALA A 149 -23.48 -6.75 -0.44
C ALA A 149 -22.03 -6.32 -0.35
N ILE A 150 -21.76 -5.12 0.16
CA ILE A 150 -20.39 -4.64 0.28
C ILE A 150 -19.64 -5.38 1.40
N SER A 151 -20.37 -6.04 2.30
CA SER A 151 -19.70 -6.77 3.37
C SER A 151 -19.01 -8.03 2.88
N SER A 152 -19.45 -8.58 1.74
CA SER A 152 -18.84 -9.77 1.16
C SER A 152 -17.95 -9.43 -0.03
N SER A 153 -17.63 -8.16 -0.24
CA SER A 153 -16.84 -7.72 -1.37
C SER A 153 -15.38 -7.56 -0.97
N THR A 154 -14.47 -7.89 -1.90
CA THR A 154 -13.05 -7.68 -1.72
C THR A 154 -12.56 -6.42 -2.41
N ASP A 155 -13.48 -5.58 -2.90
CA ASP A 155 -13.12 -4.33 -3.57
C ASP A 155 -13.17 -3.21 -2.55
N PRO A 156 -12.04 -2.58 -2.20
CA PRO A 156 -12.07 -1.52 -1.18
C PRO A 156 -12.97 -0.35 -1.52
N THR A 157 -13.10 -0.01 -2.81
CA THR A 157 -13.96 1.10 -3.19
C THR A 157 -15.42 0.85 -2.88
N SER A 158 -15.80 -0.37 -2.50
CA SER A 158 -17.18 -0.69 -2.19
C SER A 158 -17.47 -0.74 -0.69
N TYR A 159 -16.50 -1.15 0.13
CA TYR A 159 -16.76 -1.32 1.56
C TYR A 159 -16.00 -0.35 2.46
N ASP A 160 -14.94 0.27 1.98
CA ASP A 160 -14.09 1.09 2.84
C ASP A 160 -14.86 2.32 3.32
N GLY A 161 -14.92 2.49 4.64
CA GLY A 161 -15.58 3.64 5.22
C GLY A 161 -17.07 3.52 5.41
N PHE A 162 -17.62 2.31 5.35
CA PHE A 162 -19.07 2.14 5.45
C PHE A 162 -19.44 1.32 6.69
N GLY A 163 -18.95 1.74 7.85
CA GLY A 163 -19.34 1.17 9.12
C GLY A 163 -18.94 -0.27 9.30
N PRO A 164 -19.35 -0.86 10.42
CA PRO A 164 -19.14 -2.30 10.62
C PRO A 164 -19.77 -3.11 9.49
N PHE A 165 -19.48 -4.41 9.49
CA PHE A 165 -19.85 -5.25 8.36
C PHE A 165 -20.66 -6.46 8.82
N MET A 166 -21.35 -7.05 7.85
CA MET A 166 -22.27 -8.15 8.11
C MET A 166 -21.50 -9.39 8.57
N PRO A 167 -21.82 -9.94 9.74
CA PRO A 167 -21.20 -11.20 10.15
C PRO A 167 -21.79 -12.37 9.38
N GLY A 168 -21.07 -13.50 9.46
CA GLY A 168 -21.51 -14.70 8.78
C GLY A 168 -21.25 -14.74 7.30
N PHE A 169 -20.33 -13.89 6.80
CA PHE A 169 -19.95 -13.88 5.39
C PHE A 169 -18.51 -14.33 5.28
N ASP A 170 -18.29 -15.48 4.64
CA ASP A 170 -16.96 -16.00 4.37
C ASP A 170 -16.60 -15.79 2.91
N ILE A 171 -15.32 -15.55 2.66
CA ILE A 171 -14.82 -15.23 1.32
C ILE A 171 -13.78 -16.28 0.93
N ILE A 172 -14.02 -16.95 -0.19
CA ILE A 172 -13.06 -17.90 -0.75
C ILE A 172 -12.66 -17.40 -2.12
N PRO A 173 -11.49 -17.82 -2.63
CA PRO A 173 -11.08 -17.39 -3.97
C PRO A 173 -12.04 -17.91 -5.05
N TYR A 174 -12.18 -17.13 -6.11
CA TYR A 174 -13.00 -17.54 -7.23
C TYR A 174 -12.26 -18.56 -8.09
N ASN A 175 -13.04 -19.45 -8.72
CA ASN A 175 -12.50 -20.54 -9.54
C ASN A 175 -11.51 -21.39 -8.74
N ASP A 176 -12.03 -21.97 -7.66
CA ASP A 176 -11.20 -22.71 -6.71
C ASP A 176 -12.07 -23.79 -6.06
N LEU A 177 -11.92 -25.02 -6.55
CA LEU A 177 -12.64 -26.15 -5.98
C LEU A 177 -12.09 -26.57 -4.62
N PRO A 178 -10.76 -26.66 -4.43
CA PRO A 178 -10.26 -26.98 -3.09
C PRO A 178 -10.67 -25.99 -2.01
N ALA A 179 -10.71 -24.69 -2.33
CA ALA A 179 -11.10 -23.71 -1.33
C ALA A 179 -12.56 -23.86 -0.94
N LEU A 180 -13.44 -24.11 -1.92
CA LEU A 180 -14.83 -24.36 -1.61
C LEU A 180 -15.00 -25.64 -0.80
N GLU A 181 -14.21 -26.67 -1.13
CA GLU A 181 -14.29 -27.92 -0.39
C GLU A 181 -13.82 -27.74 1.05
N ARG A 182 -12.77 -26.95 1.27
CA ARG A 182 -12.32 -26.65 2.62
C ARG A 182 -13.35 -25.81 3.37
N ALA A 183 -14.00 -24.88 2.68
CA ALA A 183 -14.94 -23.99 3.34
C ALA A 183 -16.23 -24.71 3.72
N LEU A 184 -16.72 -25.59 2.85
CA LEU A 184 -17.97 -26.29 3.11
C LEU A 184 -17.85 -27.36 4.21
N GLN A 185 -16.67 -27.52 4.81
CA GLN A 185 -16.53 -28.47 5.91
C GLN A 185 -17.23 -27.98 7.18
N ASP A 186 -17.53 -26.69 7.27
CA ASP A 186 -18.24 -26.15 8.42
C ASP A 186 -19.73 -26.44 8.27
N PRO A 187 -20.34 -27.23 9.17
CA PRO A 187 -21.77 -27.51 9.06
C PRO A 187 -22.65 -26.27 9.20
N ASN A 188 -22.12 -25.17 9.76
CA ASN A 188 -22.89 -23.94 9.86
C ASN A 188 -23.01 -23.21 8.53
N VAL A 189 -22.26 -23.62 7.51
CA VAL A 189 -22.38 -23.01 6.18
C VAL A 189 -23.69 -23.44 5.55
N ALA A 190 -24.56 -22.47 5.27
CA ALA A 190 -25.87 -22.71 4.68
C ALA A 190 -25.89 -22.64 3.16
N ALA A 191 -25.14 -21.72 2.56
CA ALA A 191 -25.17 -21.57 1.12
C ALA A 191 -23.84 -21.03 0.61
N PHE A 192 -23.65 -21.16 -0.70
CA PHE A 192 -22.49 -20.59 -1.40
C PHE A 192 -23.01 -19.86 -2.62
N MET A 193 -22.93 -18.53 -2.60
CA MET A 193 -23.37 -17.69 -3.70
C MET A 193 -22.19 -17.37 -4.61
N VAL A 194 -22.37 -17.58 -5.91
CA VAL A 194 -21.30 -17.38 -6.87
C VAL A 194 -21.89 -16.95 -8.20
N GLU A 195 -21.10 -16.24 -8.99
CA GLU A 195 -21.47 -15.85 -10.35
C GLU A 195 -20.86 -16.82 -11.33
N PRO A 196 -21.62 -17.32 -12.31
CA PRO A 196 -21.01 -18.20 -13.32
C PRO A 196 -19.91 -17.52 -14.11
N ILE A 197 -20.01 -16.20 -14.30
CA ILE A 197 -18.95 -15.38 -14.88
C ILE A 197 -18.93 -14.06 -14.13
N GLN A 198 -17.83 -13.79 -13.42
CA GLN A 198 -17.70 -12.56 -12.64
C GLN A 198 -17.53 -11.38 -13.60
N GLY A 199 -18.61 -10.66 -13.85
CA GLY A 199 -18.59 -9.56 -14.80
C GLY A 199 -17.94 -8.28 -14.30
N GLU A 200 -18.35 -7.81 -13.13
CA GLU A 200 -17.85 -6.53 -12.62
C GLU A 200 -16.38 -6.58 -12.25
N ALA A 201 -15.81 -7.78 -12.12
CA ALA A 201 -14.39 -7.94 -11.82
C ALA A 201 -13.53 -7.97 -13.08
N GLY A 202 -14.14 -7.92 -14.26
CA GLY A 202 -13.39 -7.93 -15.51
C GLY A 202 -13.71 -9.12 -16.39
N VAL A 203 -14.93 -9.63 -16.30
CA VAL A 203 -15.38 -10.80 -17.04
C VAL A 203 -14.40 -11.94 -16.81
N VAL A 204 -14.34 -12.42 -15.57
CA VAL A 204 -13.45 -13.51 -15.20
C VAL A 204 -14.19 -14.82 -15.41
N VAL A 205 -13.78 -15.58 -16.42
CA VAL A 205 -14.43 -16.84 -16.76
C VAL A 205 -13.73 -17.97 -16.00
N PRO A 206 -14.45 -18.79 -15.25
CA PRO A 206 -13.82 -19.91 -14.56
C PRO A 206 -13.48 -21.03 -15.54
N ASP A 207 -12.60 -21.91 -15.08
CA ASP A 207 -12.20 -23.05 -15.90
C ASP A 207 -13.38 -23.98 -16.12
N PRO A 208 -13.39 -24.72 -17.23
CA PRO A 208 -14.47 -25.68 -17.47
C PRO A 208 -14.54 -26.72 -16.36
N GLY A 209 -15.77 -27.08 -15.99
CA GLY A 209 -15.99 -28.02 -14.90
C GLY A 209 -16.07 -27.39 -13.53
N TYR A 210 -15.90 -26.08 -13.41
CA TYR A 210 -15.99 -25.43 -12.12
C TYR A 210 -17.41 -25.45 -11.58
N LEU A 211 -18.39 -25.18 -12.45
CA LEU A 211 -19.78 -25.17 -12.02
C LEU A 211 -20.25 -26.57 -11.63
N MET A 212 -19.80 -27.60 -12.36
CA MET A 212 -20.14 -28.97 -12.00
C MET A 212 -19.53 -29.34 -10.65
N GLY A 213 -18.31 -28.87 -10.38
CA GLY A 213 -17.69 -29.16 -9.09
C GLY A 213 -18.35 -28.42 -7.95
N VAL A 214 -18.80 -27.18 -8.21
CA VAL A 214 -19.50 -26.42 -7.17
C VAL A 214 -20.81 -27.11 -6.81
N ARG A 215 -21.55 -27.58 -7.81
CA ARG A 215 -22.78 -28.32 -7.54
C ARG A 215 -22.49 -29.60 -6.77
N GLU A 216 -21.47 -30.35 -7.19
CA GLU A 216 -21.15 -31.60 -6.49
C GLU A 216 -20.74 -31.34 -5.05
N LEU A 217 -20.01 -30.24 -4.81
CA LEU A 217 -19.57 -29.94 -3.45
C LEU A 217 -20.74 -29.43 -2.60
N CYS A 218 -21.63 -28.63 -3.19
CA CYS A 218 -22.76 -28.12 -2.43
C CYS A 218 -23.75 -29.24 -2.09
N THR A 219 -24.00 -30.15 -3.02
CA THR A 219 -24.91 -31.26 -2.75
C THR A 219 -24.30 -32.22 -1.74
N ARG A 220 -23.01 -32.52 -1.86
CA ARG A 220 -22.38 -33.47 -0.96
C ARG A 220 -22.35 -32.97 0.48
N HIS A 221 -22.24 -31.66 0.68
CA HIS A 221 -22.12 -31.08 2.01
C HIS A 221 -23.38 -30.37 2.47
N GLN A 222 -24.51 -30.58 1.78
CA GLN A 222 -25.80 -30.03 2.16
C GLN A 222 -25.74 -28.51 2.24
N VAL A 223 -25.36 -27.91 1.10
CA VAL A 223 -25.16 -26.47 0.98
C VAL A 223 -25.96 -25.98 -0.23
N LEU A 224 -26.62 -24.84 -0.07
CA LEU A 224 -27.44 -24.29 -1.14
C LEU A 224 -26.57 -23.60 -2.17
N PHE A 225 -26.66 -24.04 -3.42
CA PHE A 225 -25.95 -23.43 -4.54
C PHE A 225 -26.77 -22.24 -5.03
N ILE A 226 -26.23 -21.04 -4.87
CA ILE A 226 -26.87 -19.81 -5.33
C ILE A 226 -26.07 -19.29 -6.53
N ALA A 227 -26.77 -19.13 -7.66
CA ALA A 227 -26.15 -18.66 -8.90
C ALA A 227 -26.69 -17.28 -9.22
N ASP A 228 -25.82 -16.28 -9.17
CA ASP A 228 -26.21 -14.90 -9.50
C ASP A 228 -26.12 -14.72 -11.01
N GLU A 229 -27.23 -14.99 -11.70
CA GLU A 229 -27.33 -14.83 -13.14
C GLU A 229 -27.98 -13.52 -13.53
N ILE A 230 -27.94 -12.51 -12.65
CA ILE A 230 -28.57 -11.23 -12.92
C ILE A 230 -27.94 -10.57 -14.15
N GLN A 231 -26.62 -10.68 -14.28
CA GLN A 231 -25.90 -10.14 -15.42
C GLN A 231 -25.56 -11.18 -16.47
N THR A 232 -25.17 -12.39 -16.05
CA THR A 232 -24.76 -13.42 -16.99
C THR A 232 -25.95 -14.11 -17.65
N GLY A 233 -27.08 -14.17 -16.98
CA GLY A 233 -28.23 -14.88 -17.52
C GLY A 233 -28.90 -14.14 -18.65
N LEU A 234 -29.96 -14.77 -19.16
CA LEU A 234 -30.83 -14.20 -20.19
C LEU A 234 -30.08 -13.97 -21.50
N ALA A 235 -29.62 -15.07 -22.08
CA ALA A 235 -29.16 -15.20 -23.47
C ALA A 235 -27.89 -14.42 -23.79
N ARG A 236 -27.26 -13.75 -22.82
CA ARG A 236 -26.06 -12.98 -23.15
C ARG A 236 -24.87 -13.90 -23.39
N THR A 237 -24.64 -14.86 -22.48
CA THR A 237 -23.52 -15.78 -22.63
C THR A 237 -23.78 -16.85 -23.69
N GLY A 238 -24.99 -16.91 -24.24
CA GLY A 238 -25.34 -17.91 -25.24
C GLY A 238 -26.44 -18.86 -24.84
N ARG A 239 -26.81 -18.91 -23.56
CA ARG A 239 -27.87 -19.79 -23.07
C ARG A 239 -28.79 -18.98 -22.16
N TRP A 240 -29.90 -19.61 -21.76
CA TRP A 240 -30.79 -18.97 -20.78
C TRP A 240 -30.04 -18.64 -19.50
N LEU A 241 -29.26 -19.58 -19.00
CA LEU A 241 -28.37 -19.36 -17.87
C LEU A 241 -26.96 -19.78 -18.28
N ALA A 242 -25.96 -19.11 -17.69
CA ALA A 242 -24.58 -19.47 -17.99
C ALA A 242 -24.23 -20.85 -17.45
N VAL A 243 -24.91 -21.29 -16.38
CA VAL A 243 -24.67 -22.61 -15.83
C VAL A 243 -25.19 -23.70 -16.77
N ASP A 244 -26.03 -23.34 -17.74
CA ASP A 244 -26.51 -24.32 -18.71
C ASP A 244 -25.39 -24.84 -19.60
N TYR A 245 -24.27 -24.13 -19.68
CA TYR A 245 -23.12 -24.62 -20.44
C TYR A 245 -22.53 -25.88 -19.84
N GLU A 246 -22.84 -26.19 -18.58
CA GLU A 246 -22.32 -27.38 -17.92
C GLU A 246 -23.43 -28.23 -17.33
N ASN A 247 -24.69 -28.01 -17.75
CA ASN A 247 -25.84 -28.82 -17.31
C ASN A 247 -25.96 -28.84 -15.79
N VAL A 248 -25.76 -27.69 -15.16
CA VAL A 248 -25.80 -27.56 -13.71
C VAL A 248 -27.12 -26.90 -13.32
N ARG A 249 -27.80 -27.47 -12.32
CA ARG A 249 -29.05 -26.92 -11.80
C ARG A 249 -28.81 -26.36 -10.41
N PRO A 250 -28.60 -25.05 -10.26
CA PRO A 250 -28.38 -24.49 -8.93
C PRO A 250 -29.64 -24.56 -8.07
N ASP A 251 -29.42 -24.52 -6.75
CA ASP A 251 -30.54 -24.55 -5.82
C ASP A 251 -31.35 -23.27 -5.90
N ILE A 252 -30.69 -22.13 -6.00
CA ILE A 252 -31.34 -20.83 -6.12
C ILE A 252 -30.71 -20.07 -7.28
N VAL A 253 -31.55 -19.49 -8.14
CA VAL A 253 -31.09 -18.74 -9.30
C VAL A 253 -31.60 -17.31 -9.18
N LEU A 254 -30.72 -16.35 -9.46
CA LEU A 254 -31.05 -14.93 -9.41
C LEU A 254 -31.08 -14.36 -10.83
N LEU A 255 -32.09 -13.53 -11.10
CA LEU A 255 -32.25 -12.91 -12.40
C LEU A 255 -32.54 -11.42 -12.21
N GLY A 256 -32.09 -10.63 -13.17
CA GLY A 256 -32.31 -9.19 -13.11
C GLY A 256 -31.89 -8.50 -14.39
N LYS A 257 -31.93 -7.17 -14.35
CA LYS A 257 -31.52 -6.32 -15.45
C LYS A 257 -32.28 -6.64 -16.74
N ALA A 258 -31.75 -7.56 -17.54
CA ALA A 258 -32.37 -7.88 -18.83
C ALA A 258 -33.76 -8.47 -18.69
N LEU A 259 -34.22 -8.76 -17.47
CA LEU A 259 -35.55 -9.31 -17.26
C LEU A 259 -36.64 -8.35 -17.72
N SER A 260 -36.32 -7.08 -17.91
CA SER A 260 -37.28 -6.09 -18.37
C SER A 260 -36.82 -5.31 -19.59
N GLY A 261 -35.62 -5.57 -20.10
CA GLY A 261 -35.12 -4.83 -21.24
C GLY A 261 -34.81 -3.38 -20.98
N GLY A 262 -34.58 -3.01 -19.73
CA GLY A 262 -34.24 -1.65 -19.39
C GLY A 262 -35.43 -0.72 -19.18
N LEU A 263 -36.65 -1.24 -19.23
CA LEU A 263 -37.85 -0.41 -19.10
C LEU A 263 -38.41 -0.39 -17.68
N TYR A 264 -37.93 -1.26 -16.79
CA TYR A 264 -38.47 -1.34 -15.44
C TYR A 264 -37.53 -2.13 -14.55
N PRO A 265 -37.40 -1.75 -13.27
CA PRO A 265 -36.59 -2.56 -12.35
C PRO A 265 -37.32 -3.82 -11.92
N VAL A 266 -37.00 -4.96 -12.54
CA VAL A 266 -37.61 -6.23 -12.23
C VAL A 266 -36.51 -7.25 -11.98
N SER A 267 -36.61 -7.97 -10.87
CA SER A 267 -35.68 -9.05 -10.55
C SER A 267 -36.47 -10.23 -9.99
N ALA A 268 -35.85 -11.42 -10.06
CA ALA A 268 -36.53 -12.64 -9.68
C ALA A 268 -35.58 -13.56 -8.93
N VAL A 269 -36.15 -14.35 -8.02
CA VAL A 269 -35.43 -15.37 -7.25
C VAL A 269 -36.16 -16.69 -7.45
N LEU A 270 -35.53 -17.63 -8.13
CA LEU A 270 -36.14 -18.91 -8.49
C LEU A 270 -35.52 -20.03 -7.66
N CYS A 271 -36.37 -20.85 -7.06
CA CYS A 271 -35.93 -22.03 -6.31
C CYS A 271 -37.14 -22.93 -6.08
N ASP A 272 -36.87 -24.12 -5.56
CA ASP A 272 -37.89 -25.14 -5.38
C ASP A 272 -38.68 -24.88 -4.08
N ASP A 273 -39.61 -25.79 -3.78
CA ASP A 273 -40.55 -25.58 -2.69
C ASP A 273 -39.86 -25.68 -1.33
N ASP A 274 -39.10 -26.76 -1.11
CA ASP A 274 -38.48 -26.99 0.20
C ASP A 274 -37.51 -25.88 0.60
N ILE A 275 -37.12 -25.01 -0.32
CA ILE A 275 -36.30 -23.86 0.00
C ILE A 275 -37.11 -22.58 0.04
N MET A 276 -38.08 -22.43 -0.88
CA MET A 276 -38.84 -21.20 -0.95
C MET A 276 -39.86 -21.07 0.18
N LEU A 277 -40.58 -22.15 0.48
CA LEU A 277 -41.64 -22.11 1.47
C LEU A 277 -41.13 -21.93 2.90
N THR A 278 -39.81 -21.78 3.09
CA THR A 278 -39.29 -21.48 4.41
C THR A 278 -39.67 -20.09 4.90
N ILE A 279 -40.02 -19.19 3.99
CA ILE A 279 -40.45 -17.84 4.32
C ILE A 279 -41.97 -17.83 4.38
N LYS A 280 -42.51 -17.63 5.58
CA LYS A 280 -43.95 -17.65 5.80
C LYS A 280 -44.56 -16.35 5.32
N PRO A 281 -45.89 -16.29 5.18
CA PRO A 281 -46.54 -15.03 4.79
C PRO A 281 -46.22 -13.91 5.76
N GLY A 282 -45.83 -12.76 5.20
CA GLY A 282 -45.52 -11.60 6.00
C GLY A 282 -44.11 -11.54 6.53
N GLU A 283 -43.21 -12.41 6.05
CA GLU A 283 -41.83 -12.48 6.51
C GLU A 283 -40.83 -11.96 5.49
N HIS A 284 -41.29 -11.45 4.36
CA HIS A 284 -40.43 -10.84 3.35
C HIS A 284 -41.33 -10.23 2.28
N GLY A 285 -40.76 -9.30 1.53
CA GLY A 285 -41.48 -8.73 0.40
C GLY A 285 -40.95 -7.36 0.06
N SER A 286 -41.66 -6.71 -0.85
CA SER A 286 -41.32 -5.37 -1.30
C SER A 286 -42.58 -4.69 -1.79
N THR A 287 -42.60 -3.36 -1.72
CA THR A 287 -43.77 -2.60 -2.15
C THR A 287 -44.01 -2.76 -3.65
N TYR A 288 -43.01 -2.40 -4.46
CA TYR A 288 -43.11 -2.53 -5.91
C TYR A 288 -42.83 -3.93 -6.41
N GLY A 289 -42.44 -4.85 -5.52
CA GLY A 289 -42.09 -6.20 -5.94
C GLY A 289 -43.30 -6.94 -6.46
N GLY A 290 -43.30 -7.28 -7.75
CA GLY A 290 -44.40 -8.01 -8.34
C GLY A 290 -45.55 -7.16 -8.82
N ASN A 291 -45.30 -5.89 -9.15
CA ASN A 291 -46.37 -5.03 -9.64
C ASN A 291 -46.82 -5.48 -11.03
N PRO A 292 -48.06 -5.19 -11.42
CA PRO A 292 -48.55 -5.67 -12.72
C PRO A 292 -47.77 -5.12 -13.91
N LEU A 293 -47.40 -3.83 -13.86
CA LEU A 293 -46.69 -3.23 -14.99
C LEU A 293 -45.34 -3.90 -15.20
N GLY A 294 -44.57 -4.08 -14.13
CA GLY A 294 -43.27 -4.74 -14.25
C GLY A 294 -43.39 -6.19 -14.67
N CYS A 295 -44.49 -6.85 -14.30
CA CYS A 295 -44.68 -8.23 -14.72
C CYS A 295 -45.02 -8.33 -16.19
N ARG A 296 -45.80 -7.37 -16.72
CA ARG A 296 -46.11 -7.37 -18.15
C ARG A 296 -44.85 -7.17 -18.98
N VAL A 297 -44.01 -6.21 -18.61
CA VAL A 297 -42.79 -5.95 -19.35
C VAL A 297 -41.77 -7.08 -19.15
N ALA A 298 -41.90 -7.84 -18.07
CA ALA A 298 -41.02 -9.00 -17.87
C ALA A 298 -41.45 -10.16 -18.76
N ILE A 299 -42.76 -10.37 -18.91
CA ILE A 299 -43.25 -11.39 -19.83
C ILE A 299 -42.85 -11.04 -21.25
N ALA A 300 -42.98 -9.77 -21.61
CA ALA A 300 -42.60 -9.33 -22.96
C ALA A 300 -41.10 -9.50 -23.19
N ALA A 301 -40.29 -9.17 -22.19
CA ALA A 301 -38.84 -9.29 -22.35
C ALA A 301 -38.41 -10.74 -22.48
N LEU A 302 -39.05 -11.64 -21.73
CA LEU A 302 -38.70 -13.05 -21.81
C LEU A 302 -39.17 -13.66 -23.13
N GLU A 303 -40.31 -13.21 -23.65
CA GLU A 303 -40.80 -13.75 -24.92
C GLU A 303 -39.94 -13.29 -26.09
N VAL A 304 -39.53 -12.02 -26.10
CA VAL A 304 -38.64 -11.53 -27.15
C VAL A 304 -37.22 -12.00 -26.96
N LEU A 305 -36.90 -12.58 -25.79
CA LEU A 305 -35.62 -13.26 -25.64
C LEU A 305 -35.69 -14.68 -26.19
N GLU A 306 -36.84 -15.33 -26.05
CA GLU A 306 -36.96 -16.74 -26.45
C GLU A 306 -37.12 -16.88 -27.96
N GLU A 307 -38.25 -16.40 -28.51
CA GLU A 307 -38.59 -16.63 -29.91
C GLU A 307 -38.21 -15.47 -30.81
N GLU A 308 -37.21 -14.67 -30.44
CA GLU A 308 -36.47 -13.87 -31.39
C GLU A 308 -35.10 -14.46 -31.68
N ASN A 309 -34.78 -15.59 -31.05
CA ASN A 309 -33.51 -16.28 -31.21
C ASN A 309 -32.33 -15.35 -30.94
N LEU A 310 -32.05 -15.12 -29.65
CA LEU A 310 -30.94 -14.25 -29.24
C LEU A 310 -29.83 -14.99 -28.51
N ALA A 311 -30.11 -16.17 -27.95
CA ALA A 311 -29.08 -16.91 -27.25
C ALA A 311 -28.02 -17.43 -28.22
N GLU A 312 -28.45 -18.24 -29.20
CA GLU A 312 -27.53 -18.71 -30.22
C GLU A 312 -26.99 -17.56 -31.08
N ASN A 313 -27.78 -16.49 -31.22
CA ASN A 313 -27.28 -15.30 -31.90
C ASN A 313 -26.08 -14.71 -31.15
N ALA A 314 -26.19 -14.58 -29.83
CA ALA A 314 -25.08 -14.08 -29.04
C ALA A 314 -23.92 -15.06 -29.00
N ASP A 315 -24.22 -16.36 -29.12
CA ASP A 315 -23.16 -17.36 -29.09
C ASP A 315 -22.28 -17.27 -30.34
N LYS A 316 -22.90 -17.27 -31.52
CA LYS A 316 -22.11 -17.23 -32.75
C LYS A 316 -21.43 -15.88 -32.93
N LEU A 317 -22.14 -14.78 -32.63
CA LEU A 317 -21.53 -13.46 -32.75
C LEU A 317 -20.43 -13.26 -31.72
N GLY A 318 -20.53 -13.91 -30.56
CA GLY A 318 -19.45 -13.86 -29.59
C GLY A 318 -18.24 -14.65 -30.05
N ILE A 319 -18.46 -15.77 -30.73
CA ILE A 319 -17.36 -16.53 -31.32
C ILE A 319 -16.65 -15.68 -32.37
N ILE A 320 -17.41 -14.98 -33.20
CA ILE A 320 -16.81 -14.08 -34.20
C ILE A 320 -16.11 -12.92 -33.50
N LEU A 321 -16.69 -12.41 -32.42
CA LEU A 321 -16.11 -11.27 -31.72
C LEU A 321 -14.75 -11.63 -31.12
N ARG A 322 -14.66 -12.79 -30.47
CA ARG A 322 -13.40 -13.18 -29.84
C ARG A 322 -12.35 -13.56 -30.88
N ASN A 323 -12.76 -14.29 -31.93
CA ASN A 323 -11.81 -14.64 -32.98
C ASN A 323 -11.25 -13.40 -33.67
N GLU A 324 -12.03 -12.31 -33.71
CA GLU A 324 -11.56 -11.10 -34.36
C GLU A 324 -10.69 -10.26 -33.43
N LEU A 325 -11.02 -10.25 -32.14
CA LEU A 325 -10.24 -9.47 -31.18
C LEU A 325 -8.86 -10.08 -30.95
N MET A 326 -8.74 -11.41 -31.02
CA MET A 326 -7.46 -12.06 -30.80
C MET A 326 -6.48 -11.83 -31.95
N LYS A 327 -6.88 -11.15 -33.02
CA LYS A 327 -5.94 -10.84 -34.09
C LYS A 327 -5.11 -9.59 -33.80
N LEU A 328 -5.52 -8.78 -32.83
CA LEU A 328 -4.70 -7.65 -32.42
C LEU A 328 -3.39 -8.16 -31.80
N PRO A 329 -2.31 -7.40 -31.94
CA PRO A 329 -1.01 -7.87 -31.45
C PRO A 329 -1.02 -8.09 -29.94
N SER A 330 -0.19 -9.04 -29.50
CA SER A 330 -0.16 -9.45 -28.10
C SER A 330 0.53 -8.44 -27.19
N ASP A 331 1.22 -7.46 -27.76
CA ASP A 331 1.92 -6.46 -26.95
C ASP A 331 1.05 -5.29 -26.55
N VAL A 332 -0.12 -5.13 -27.17
CA VAL A 332 -1.07 -4.10 -26.76
C VAL A 332 -2.32 -4.70 -26.13
N VAL A 333 -2.68 -5.93 -26.46
CA VAL A 333 -3.83 -6.62 -25.89
C VAL A 333 -3.30 -7.86 -25.19
N THR A 334 -3.31 -7.85 -23.85
CA THR A 334 -2.72 -8.95 -23.10
C THR A 334 -3.55 -10.22 -23.21
N ALA A 335 -4.87 -10.10 -23.06
CA ALA A 335 -5.73 -11.28 -23.10
C ALA A 335 -7.11 -10.88 -23.63
N VAL A 336 -7.81 -11.86 -24.21
CA VAL A 336 -9.17 -11.70 -24.69
C VAL A 336 -9.98 -12.88 -24.18
N ARG A 337 -10.97 -12.60 -23.32
CA ARG A 337 -11.78 -13.62 -22.68
C ARG A 337 -13.25 -13.25 -22.76
N GLY A 338 -14.10 -14.24 -22.49
CA GLY A 338 -15.54 -14.00 -22.47
C GLY A 338 -16.36 -15.15 -23.01
N LYS A 339 -17.68 -15.06 -22.85
CA LYS A 339 -18.60 -16.07 -23.34
C LYS A 339 -19.83 -15.37 -23.91
N GLY A 340 -20.31 -15.86 -25.05
CA GLY A 340 -21.43 -15.19 -25.71
C GLY A 340 -21.04 -13.78 -26.10
N LEU A 341 -22.00 -12.86 -25.97
CA LEU A 341 -21.75 -11.44 -26.19
C LEU A 341 -21.33 -10.72 -24.93
N LEU A 342 -20.74 -11.42 -23.98
CA LEU A 342 -20.14 -10.84 -22.78
C LEU A 342 -18.65 -11.14 -22.83
N ASN A 343 -17.85 -10.16 -23.24
CA ASN A 343 -16.43 -10.34 -23.46
C ASN A 343 -15.67 -9.16 -22.88
N ALA A 344 -14.36 -9.32 -22.78
CA ALA A 344 -13.48 -8.27 -22.27
C ALA A 344 -12.07 -8.51 -22.78
N ILE A 345 -11.29 -7.43 -22.84
CA ILE A 345 -9.89 -7.50 -23.23
C ILE A 345 -9.05 -6.84 -22.14
N VAL A 346 -7.78 -7.21 -22.10
CA VAL A 346 -6.82 -6.67 -21.14
C VAL A 346 -5.85 -5.76 -21.90
N ILE A 347 -5.60 -4.59 -21.35
CA ILE A 347 -4.74 -3.58 -21.96
C ILE A 347 -3.44 -3.51 -21.18
N LYS A 348 -2.31 -3.60 -21.89
CA LYS A 348 -0.99 -3.45 -21.27
C LYS A 348 -0.84 -1.99 -20.87
N GLU A 349 -1.34 -1.68 -19.68
CA GLU A 349 -1.41 -0.30 -19.21
C GLU A 349 -0.01 0.23 -18.87
N THR A 350 0.28 1.44 -19.32
CA THR A 350 1.51 2.15 -19.01
C THR A 350 1.15 3.58 -18.65
N LYS A 351 2.17 4.44 -18.56
CA LYS A 351 1.91 5.87 -18.48
C LYS A 351 1.69 6.50 -19.85
N ASP A 352 1.82 5.72 -20.92
CA ASP A 352 1.52 6.21 -22.25
C ASP A 352 0.02 6.18 -22.54
N TRP A 353 -0.69 5.20 -21.99
CA TRP A 353 -2.12 5.07 -22.20
C TRP A 353 -2.71 4.19 -21.11
N ASP A 354 -4.04 4.23 -21.00
CA ASP A 354 -4.77 3.33 -20.13
C ASP A 354 -6.14 3.07 -20.75
N ALA A 355 -6.97 2.31 -20.03
CA ALA A 355 -8.27 1.91 -20.57
C ALA A 355 -9.22 3.10 -20.69
N TRP A 356 -9.09 4.10 -19.82
CA TRP A 356 -9.99 5.24 -19.89
C TRP A 356 -9.77 6.05 -21.16
N LYS A 357 -8.50 6.28 -21.53
CA LYS A 357 -8.22 7.04 -22.75
C LYS A 357 -8.68 6.28 -23.99
N VAL A 358 -8.66 4.94 -23.94
CA VAL A 358 -9.15 4.16 -25.06
C VAL A 358 -10.66 4.33 -25.22
N CYS A 359 -11.40 4.27 -24.12
CA CYS A 359 -12.85 4.46 -24.18
C CYS A 359 -13.21 5.88 -24.62
N LEU A 360 -12.36 6.85 -24.28
CA LEU A 360 -12.57 8.22 -24.77
C LEU A 360 -12.40 8.28 -26.28
N ARG A 361 -11.33 7.68 -26.80
CA ARG A 361 -11.10 7.67 -28.24
C ARG A 361 -12.10 6.78 -28.95
N LEU A 362 -12.54 5.71 -28.30
CA LEU A 362 -13.63 4.90 -28.86
C LEU A 362 -14.92 5.71 -28.97
N ARG A 363 -15.21 6.52 -27.93
CA ARG A 363 -16.37 7.40 -27.99
C ARG A 363 -16.23 8.41 -29.12
N ASP A 364 -15.01 8.89 -29.37
CA ASP A 364 -14.76 9.81 -30.47
C ASP A 364 -14.97 9.15 -31.83
N ASN A 365 -14.85 7.84 -31.92
CA ASN A 365 -15.02 7.11 -33.17
C ASN A 365 -16.38 6.41 -33.25
N GLY A 366 -17.26 6.63 -32.27
CA GLY A 366 -18.62 6.12 -32.33
C GLY A 366 -18.87 4.80 -31.64
N LEU A 367 -18.19 4.51 -30.54
CA LEU A 367 -18.41 3.28 -29.79
C LEU A 367 -18.28 3.58 -28.31
N LEU A 368 -19.24 3.10 -27.52
CA LEU A 368 -19.27 3.34 -26.08
C LEU A 368 -18.94 2.04 -25.35
N ALA A 369 -17.85 2.07 -24.58
CA ALA A 369 -17.42 0.93 -23.77
C ALA A 369 -17.14 1.40 -22.35
N LYS A 370 -16.99 0.43 -21.45
CA LYS A 370 -16.84 0.68 -20.02
C LYS A 370 -15.55 0.04 -19.53
N PRO A 371 -14.62 0.81 -18.95
CA PRO A 371 -13.45 0.20 -18.31
C PRO A 371 -13.69 -0.07 -16.84
N THR A 372 -13.22 -1.24 -16.39
CA THR A 372 -13.50 -1.70 -15.03
C THR A 372 -12.30 -1.64 -14.09
N HIS A 373 -11.08 -1.51 -14.62
CA HIS A 373 -9.91 -1.47 -13.73
C HIS A 373 -8.76 -0.63 -14.28
N GLY A 374 -8.98 0.19 -15.31
CA GLY A 374 -7.89 0.92 -15.92
C GLY A 374 -7.05 0.12 -16.90
N ASP A 375 -7.18 -1.20 -16.91
CA ASP A 375 -6.51 -2.04 -17.88
C ASP A 375 -7.42 -3.08 -18.51
N ILE A 376 -8.69 -3.15 -18.11
CA ILE A 376 -9.65 -4.11 -18.64
C ILE A 376 -10.79 -3.32 -19.27
N ILE A 377 -11.19 -3.72 -20.48
CA ILE A 377 -12.26 -3.06 -21.21
C ILE A 377 -13.27 -4.12 -21.63
N ARG A 378 -14.54 -3.87 -21.32
CA ARG A 378 -15.61 -4.83 -21.58
C ARG A 378 -16.33 -4.49 -22.87
N PHE A 379 -16.73 -5.54 -23.61
CA PHE A 379 -17.50 -5.40 -24.83
C PHE A 379 -18.76 -6.26 -24.70
N ALA A 380 -19.93 -5.61 -24.69
CA ALA A 380 -21.20 -6.30 -24.54
C ALA A 380 -22.29 -5.54 -25.28
N PRO A 381 -22.40 -5.75 -26.59
CA PRO A 381 -23.46 -5.10 -27.35
C PRO A 381 -24.79 -5.81 -27.15
N PRO A 382 -25.91 -5.13 -27.41
CA PRO A 382 -27.20 -5.80 -27.29
C PRO A 382 -27.30 -7.00 -28.23
N LEU A 383 -28.04 -8.01 -27.77
CA LEU A 383 -28.11 -9.28 -28.49
C LEU A 383 -28.85 -9.18 -29.81
N VAL A 384 -29.51 -8.05 -30.09
CA VAL A 384 -30.17 -7.84 -31.38
C VAL A 384 -29.21 -7.40 -32.47
N ILE A 385 -27.93 -7.26 -32.16
CA ILE A 385 -26.94 -6.86 -33.15
C ILE A 385 -26.78 -7.96 -34.20
N LYS A 386 -26.42 -7.57 -35.41
CA LYS A 386 -26.23 -8.50 -36.51
C LYS A 386 -24.74 -8.60 -36.85
N GLU A 387 -24.43 -9.44 -37.84
CA GLU A 387 -23.04 -9.74 -38.14
C GLU A 387 -22.34 -8.56 -38.80
N ASP A 388 -23.00 -7.92 -39.78
CA ASP A 388 -22.39 -6.76 -40.44
C ASP A 388 -22.21 -5.60 -39.46
N GLU A 389 -23.21 -5.37 -38.60
CA GLU A 389 -23.09 -4.33 -37.59
C GLU A 389 -21.98 -4.66 -36.59
N LEU A 390 -21.85 -5.93 -36.23
CA LEU A 390 -20.78 -6.34 -35.32
C LEU A 390 -19.42 -6.11 -35.95
N ARG A 391 -19.25 -6.48 -37.22
CA ARG A 391 -17.96 -6.32 -37.87
C ARG A 391 -17.61 -4.85 -38.08
N GLU A 392 -18.61 -4.00 -38.32
CA GLU A 392 -18.34 -2.57 -38.39
C GLU A 392 -17.90 -2.04 -37.03
N SER A 393 -18.50 -2.57 -35.95
CA SER A 393 -18.12 -2.15 -34.61
C SER A 393 -16.70 -2.59 -34.28
N ILE A 394 -16.34 -3.81 -34.65
CA ILE A 394 -14.98 -4.28 -34.40
C ILE A 394 -13.98 -3.48 -35.20
N GLU A 395 -14.35 -3.04 -36.41
CA GLU A 395 -13.46 -2.18 -37.18
C GLU A 395 -13.24 -0.84 -36.47
N ILE A 396 -14.26 -0.35 -35.77
CA ILE A 396 -14.07 0.84 -34.95
C ILE A 396 -13.13 0.53 -33.78
N ILE A 397 -13.23 -0.69 -33.23
CA ILE A 397 -12.35 -1.09 -32.14
C ILE A 397 -10.90 -1.16 -32.62
N ASN A 398 -10.68 -1.80 -33.77
CA ASN A 398 -9.32 -1.91 -34.29
C ASN A 398 -8.78 -0.55 -34.69
N LYS A 399 -9.62 0.29 -35.31
CA LYS A 399 -9.18 1.64 -35.67
C LYS A 399 -8.77 2.44 -34.44
N THR A 400 -9.47 2.26 -33.32
CA THR A 400 -9.14 3.00 -32.11
C THR A 400 -7.86 2.47 -31.48
N ILE A 401 -7.73 1.14 -31.36
CA ILE A 401 -6.56 0.54 -30.72
C ILE A 401 -5.29 0.86 -31.50
N LEU A 402 -5.34 0.71 -32.82
CA LEU A 402 -4.17 0.92 -33.67
C LEU A 402 -3.82 2.39 -33.86
N SER A 403 -4.50 3.31 -33.15
CA SER A 403 -4.19 4.73 -33.22
C SER A 403 -3.31 5.19 -32.07
N PHE A 404 -2.84 4.28 -31.23
CA PHE A 404 -1.98 4.63 -30.11
C PHE A 404 -0.52 4.29 -30.42
N PRO B 3 7.55 58.14 21.36
CA PRO B 3 7.96 56.78 20.97
C PRO B 3 6.94 56.11 20.06
N THR B 4 6.69 56.70 18.89
CA THR B 4 5.70 56.19 17.96
C THR B 4 6.34 55.21 16.97
N SER B 5 5.50 54.61 16.13
CA SER B 5 5.97 53.58 15.20
C SER B 5 6.64 54.18 13.98
N ASP B 6 6.10 55.28 13.44
CA ASP B 6 6.68 55.89 12.25
C ASP B 6 8.09 56.40 12.50
N ASP B 7 8.38 56.85 13.72
CA ASP B 7 9.74 57.25 14.05
C ASP B 7 10.66 56.04 14.16
N ILE B 8 10.14 54.90 14.58
CA ILE B 8 10.93 53.68 14.57
C ILE B 8 11.24 53.25 13.15
N PHE B 9 10.28 53.45 12.23
CA PHE B 9 10.53 53.12 10.83
C PHE B 9 11.60 54.03 10.24
N GLU B 10 11.49 55.34 10.49
CA GLU B 10 12.51 56.27 10.01
C GLU B 10 13.86 56.03 10.68
N ARG B 11 13.85 55.56 11.93
CA ARG B 11 15.10 55.30 12.63
C ARG B 11 15.86 54.15 11.98
N GLU B 12 15.18 53.01 11.76
CA GLU B 12 15.82 51.89 11.09
C GLU B 12 16.11 52.18 9.62
N TYR B 13 15.40 53.14 9.01
CA TYR B 13 15.67 53.51 7.64
C TYR B 13 16.87 54.43 7.53
N LYS B 14 17.14 55.23 8.57
CA LYS B 14 18.26 56.16 8.54
C LYS B 14 19.58 55.47 8.91
N TYR B 15 19.57 54.69 10.00
CA TYR B 15 20.79 54.11 10.55
C TYR B 15 20.89 52.61 10.33
N GLY B 16 20.01 52.03 9.54
CA GLY B 16 20.00 50.60 9.32
C GLY B 16 19.95 50.26 7.85
N ALA B 17 20.53 49.11 7.52
CA ALA B 17 20.55 48.66 6.13
C ALA B 17 19.14 48.36 5.64
N HIS B 18 18.92 48.56 4.35
CA HIS B 18 17.63 48.28 3.72
C HIS B 18 17.58 46.87 3.16
N ASN B 19 17.97 45.91 3.99
CA ASN B 19 18.03 44.52 3.58
C ASN B 19 16.72 43.77 3.80
N TYR B 20 15.70 44.44 4.35
CA TYR B 20 14.40 43.81 4.55
C TYR B 20 13.31 44.84 4.25
N HIS B 21 12.15 44.34 3.84
CA HIS B 21 10.93 45.14 3.73
C HIS B 21 9.94 44.64 4.76
N PRO B 22 10.03 45.08 6.01
CA PRO B 22 9.19 44.52 7.07
C PRO B 22 7.75 45.00 6.98
N LEU B 23 6.90 44.36 7.77
CA LEU B 23 5.51 44.75 7.86
C LEU B 23 5.39 45.99 8.74
N PRO B 24 4.65 47.00 8.30
CA PRO B 24 4.55 48.25 9.08
C PRO B 24 3.90 48.05 10.44
N VAL B 25 4.62 47.43 11.37
CA VAL B 25 4.16 47.26 12.74
C VAL B 25 5.38 47.13 13.65
N ALA B 26 5.51 48.04 14.61
CA ALA B 26 6.66 48.09 15.51
C ALA B 26 6.27 47.43 16.82
N LEU B 27 6.68 46.18 16.99
CA LEU B 27 6.39 45.45 18.21
C LEU B 27 7.33 45.87 19.33
N GLU B 28 6.81 45.84 20.55
CA GLU B 28 7.53 46.24 21.76
C GLU B 28 7.47 45.18 22.85
N ARG B 29 6.36 44.48 22.98
CA ARG B 29 6.20 43.43 23.98
C ARG B 29 5.68 42.16 23.32
N GLY B 30 6.00 41.02 23.94
CA GLY B 30 5.54 39.74 23.43
C GLY B 30 5.48 38.67 24.49
N LYS B 31 4.43 37.87 24.50
CA LYS B 31 4.29 36.80 25.48
C LYS B 31 3.33 35.75 24.95
N GLY B 32 3.77 34.49 24.94
CA GLY B 32 2.96 33.39 24.48
C GLY B 32 2.52 33.50 23.04
N ILE B 33 1.22 33.75 22.83
CA ILE B 33 0.67 33.85 21.48
C ILE B 33 0.42 35.28 21.07
N TYR B 34 0.60 36.26 21.96
CA TYR B 34 0.24 37.64 21.69
C TYR B 34 1.48 38.52 21.58
N LEU B 35 1.37 39.56 20.76
CA LEU B 35 2.37 40.60 20.63
C LEU B 35 1.71 41.96 20.84
N TRP B 36 2.48 42.91 21.35
CA TRP B 36 1.98 44.26 21.61
C TRP B 36 2.93 45.28 21.00
N ASP B 37 2.38 46.25 20.28
CA ASP B 37 3.19 47.27 19.64
C ASP B 37 3.53 48.37 20.64
N VAL B 38 4.07 49.48 20.15
CA VAL B 38 4.40 50.59 21.05
C VAL B 38 3.16 51.38 21.44
N GLU B 39 2.15 51.43 20.57
CA GLU B 39 0.91 52.13 20.89
C GLU B 39 -0.04 51.30 21.73
N GLY B 40 0.31 50.06 22.05
CA GLY B 40 -0.49 49.23 22.93
C GLY B 40 -1.47 48.29 22.26
N ARG B 41 -1.42 48.17 20.94
CA ARG B 41 -2.34 47.30 20.21
C ARG B 41 -1.89 45.85 20.32
N LYS B 42 -2.83 44.95 20.62
CA LYS B 42 -2.53 43.53 20.75
C LYS B 42 -2.77 42.81 19.44
N TYR B 43 -1.89 41.86 19.12
CA TYR B 43 -1.99 41.11 17.87
C TYR B 43 -1.77 39.63 18.14
N PHE B 44 -2.40 38.80 17.31
CA PHE B 44 -2.10 37.37 17.28
C PHE B 44 -0.87 37.14 16.40
N ASP B 45 0.07 36.36 16.91
CA ASP B 45 1.29 36.04 16.17
C ASP B 45 1.06 34.76 15.38
N PHE B 46 0.91 34.89 14.06
CA PHE B 46 0.73 33.74 13.18
C PHE B 46 1.94 33.51 12.29
N LEU B 47 3.09 34.06 12.66
CA LEU B 47 4.37 33.76 12.02
C LEU B 47 5.31 32.99 12.92
N SER B 48 5.23 33.20 14.23
CA SER B 48 6.04 32.47 15.22
C SER B 48 7.53 32.68 14.98
N SER B 49 7.89 33.88 14.53
CA SER B 49 9.28 34.23 14.23
C SER B 49 9.92 33.21 13.28
N TYR B 50 9.16 32.87 12.24
CA TYR B 50 9.55 31.80 11.31
C TYR B 50 9.82 30.49 12.06
N SER B 51 8.85 30.11 12.90
CA SER B 51 8.90 28.87 13.66
C SER B 51 10.03 28.83 14.68
N ALA B 52 10.45 30.00 15.17
CA ALA B 52 11.50 30.06 16.17
C ALA B 52 10.99 30.16 17.59
N VAL B 53 9.73 30.59 17.78
CA VAL B 53 9.16 30.67 19.12
C VAL B 53 7.96 29.73 19.20
N ASN B 54 8.17 28.46 18.82
CA ASN B 54 7.11 27.46 18.92
C ASN B 54 6.55 27.35 20.32
N GLN B 55 7.41 27.56 21.33
CA GLN B 55 7.00 27.51 22.73
C GLN B 55 6.35 28.80 23.20
N GLY B 56 6.10 29.75 22.30
CA GLY B 56 5.55 31.03 22.67
C GLY B 56 6.62 32.05 23.03
N HIS B 57 6.23 33.32 22.96
CA HIS B 57 7.16 34.39 23.27
C HIS B 57 7.42 34.45 24.77
N CYS B 58 8.70 34.40 25.15
CA CYS B 58 9.13 34.55 26.54
C CYS B 58 8.44 33.53 27.44
N HIS B 59 8.66 32.26 27.14
CA HIS B 59 8.14 31.20 27.99
C HIS B 59 8.83 31.27 29.35
N PRO B 60 8.07 31.25 30.45
CA PRO B 60 8.68 31.53 31.76
C PRO B 60 9.76 30.55 32.16
N LYS B 61 9.66 29.29 31.73
CA LYS B 61 10.67 28.30 32.12
C LYS B 61 11.99 28.54 31.40
N ILE B 62 11.93 28.88 30.11
CA ILE B 62 13.15 29.18 29.36
C ILE B 62 13.75 30.49 29.85
N VAL B 63 12.89 31.46 30.18
CA VAL B 63 13.37 32.76 30.67
C VAL B 63 14.08 32.59 32.01
N ASN B 64 13.48 31.83 32.93
CA ASN B 64 14.08 31.64 34.24
C ASN B 64 15.39 30.85 34.15
N ALA B 65 15.45 29.88 33.23
CA ALA B 65 16.67 29.12 33.05
C ALA B 65 17.79 30.00 32.52
N LEU B 66 17.47 30.90 31.59
CA LEU B 66 18.48 31.83 31.07
C LEU B 66 18.91 32.82 32.14
N LYS B 67 17.96 33.37 32.90
CA LYS B 67 18.29 34.30 33.96
C LYS B 67 19.06 33.63 35.09
N SER B 68 18.95 32.32 35.25
CA SER B 68 19.74 31.61 36.25
C SER B 68 21.17 31.39 35.80
N GLN B 69 21.40 31.29 34.49
CA GLN B 69 22.72 30.98 33.97
C GLN B 69 23.56 32.22 33.69
N VAL B 70 22.92 33.36 33.42
CA VAL B 70 23.67 34.57 33.11
C VAL B 70 24.48 35.03 34.31
N ASP B 71 24.05 34.68 35.53
CA ASP B 71 24.78 35.08 36.72
C ASP B 71 25.93 34.14 37.05
N LYS B 72 25.96 32.95 36.47
CA LYS B 72 27.04 31.99 36.71
C LYS B 72 28.14 32.11 35.67
N LEU B 73 27.81 31.80 34.41
CA LEU B 73 28.81 31.70 33.36
C LEU B 73 28.11 31.81 32.01
N THR B 74 28.62 32.68 31.14
CA THR B 74 28.00 32.92 29.84
C THR B 74 28.81 32.37 28.68
N LEU B 75 30.12 32.61 28.65
CA LEU B 75 30.95 32.14 27.54
C LEU B 75 32.39 31.96 27.99
N THR B 76 32.93 30.77 27.77
CA THR B 76 34.34 30.49 28.00
C THR B 76 35.07 30.10 26.73
N SER B 77 34.37 30.01 25.60
CA SER B 77 34.87 29.46 24.34
C SER B 77 35.20 27.98 24.50
N ARG B 78 35.22 27.25 23.38
CA ARG B 78 35.51 25.83 23.41
C ARG B 78 36.97 25.52 23.69
N ALA B 79 37.81 26.54 23.93
CA ALA B 79 39.19 26.29 24.30
C ALA B 79 39.30 25.62 25.66
N PHE B 80 38.31 25.83 26.53
CA PHE B 80 38.23 25.14 27.81
C PHE B 80 36.89 24.41 27.91
N TYR B 81 36.83 23.47 28.85
CA TYR B 81 35.58 22.78 29.12
C TYR B 81 34.70 23.61 30.05
N ASN B 82 33.39 23.36 29.97
CA ASN B 82 32.44 23.98 30.88
C ASN B 82 31.39 22.94 31.25
N ASN B 83 30.85 23.07 32.47
CA ASN B 83 29.93 22.07 33.00
C ASN B 83 28.56 22.13 32.34
N VAL B 84 28.25 23.22 31.63
CA VAL B 84 26.89 23.42 31.11
C VAL B 84 26.82 22.98 29.65
N LEU B 85 27.95 23.01 28.95
CA LEU B 85 28.00 22.30 27.66
C LEU B 85 27.74 20.82 27.85
N GLY B 86 27.96 20.30 29.05
CA GLY B 86 27.46 18.99 29.44
C GLY B 86 25.95 18.98 29.53
N GLU B 87 25.36 17.91 30.09
CA GLU B 87 23.91 17.80 30.18
C GLU B 87 23.22 17.92 28.82
N TYR B 88 23.42 19.04 28.14
CA TYR B 88 22.68 19.32 26.90
C TYR B 88 22.99 18.29 25.82
N GLU B 89 24.27 18.01 25.57
CA GLU B 89 24.65 17.09 24.50
C GLU B 89 24.06 15.70 24.72
N GLU B 90 24.19 15.17 25.95
CA GLU B 90 23.59 13.88 26.26
C GLU B 90 22.08 13.93 26.18
N TYR B 91 21.49 15.07 26.56
CA TYR B 91 20.04 15.20 26.50
C TYR B 91 19.54 15.19 25.06
N ILE B 92 20.20 15.96 24.18
CA ILE B 92 19.74 16.06 22.80
C ILE B 92 20.04 14.77 22.04
N THR B 93 21.16 14.11 22.35
CA THR B 93 21.50 12.89 21.64
C THR B 93 20.59 11.73 22.02
N LYS B 94 20.23 11.62 23.30
CA LYS B 94 19.29 10.59 23.71
C LYS B 94 17.87 10.91 23.29
N LEU B 95 17.53 12.20 23.20
CA LEU B 95 16.16 12.58 22.82
C LEU B 95 15.88 12.23 21.38
N PHE B 96 16.83 12.45 20.48
CA PHE B 96 16.67 12.16 19.06
C PHE B 96 17.38 10.88 18.63
N ASN B 97 18.05 10.20 19.55
CA ASN B 97 18.67 8.89 19.32
C ASN B 97 19.73 8.99 18.21
N TYR B 98 20.76 9.79 18.49
CA TYR B 98 21.93 9.90 17.64
C TYR B 98 23.18 9.81 18.51
N HIS B 99 24.30 9.46 17.88
CA HIS B 99 25.53 9.25 18.63
C HIS B 99 26.07 10.56 19.19
N LYS B 100 26.19 11.59 18.35
CA LYS B 100 26.83 12.84 18.76
C LYS B 100 26.08 14.03 18.18
N VAL B 101 26.38 15.20 18.72
CA VAL B 101 25.81 16.46 18.29
C VAL B 101 26.93 17.49 18.18
N LEU B 102 26.85 18.34 17.16
CA LEU B 102 27.82 19.42 17.01
C LEU B 102 27.10 20.75 17.22
N PRO B 103 27.47 21.53 18.24
CA PRO B 103 26.72 22.75 18.53
C PRO B 103 27.19 23.96 17.71
N MET B 104 26.24 24.64 17.09
CA MET B 104 26.51 25.93 16.45
C MET B 104 25.50 26.94 16.97
N ASN B 105 25.40 28.10 16.31
CA ASN B 105 24.52 29.17 16.77
C ASN B 105 23.35 29.40 15.81
N THR B 106 23.63 29.71 14.56
CA THR B 106 22.60 30.03 13.59
C THR B 106 22.32 28.84 12.69
N GLY B 107 21.24 28.94 11.92
CA GLY B 107 20.86 27.85 11.03
C GLY B 107 21.82 27.67 9.87
N VAL B 108 22.37 28.78 9.36
CA VAL B 108 23.34 28.69 8.29
C VAL B 108 24.59 27.96 8.76
N GLU B 109 24.99 28.19 10.02
CA GLU B 109 26.15 27.50 10.56
C GLU B 109 25.92 26.00 10.65
N ALA B 110 24.70 25.58 11.00
CA ALA B 110 24.39 24.16 11.02
C ALA B 110 24.44 23.56 9.62
N GLY B 111 23.94 24.30 8.63
CA GLY B 111 24.01 23.82 7.26
C GLY B 111 25.43 23.77 6.73
N GLU B 112 26.22 24.81 7.03
CA GLU B 112 27.64 24.80 6.65
C GLU B 112 28.38 23.66 7.32
N THR B 113 28.06 23.37 8.59
CA THR B 113 28.71 22.26 9.28
C THR B 113 28.32 20.93 8.66
N ALA B 114 27.06 20.78 8.24
CA ALA B 114 26.62 19.55 7.60
C ALA B 114 27.29 19.35 6.25
N CYS B 115 27.49 20.44 5.51
CA CYS B 115 28.17 20.33 4.22
C CYS B 115 29.64 19.96 4.39
N LYS B 116 30.31 20.56 5.39
CA LYS B 116 31.70 20.21 5.66
C LYS B 116 31.81 18.78 6.14
N LEU B 117 30.84 18.32 6.94
CA LEU B 117 30.82 16.92 7.37
C LEU B 117 30.62 15.99 6.17
N ALA B 118 29.71 16.35 5.27
CA ALA B 118 29.43 15.50 4.11
C ALA B 118 30.65 15.40 3.20
N ARG B 119 31.36 16.51 3.00
CA ARG B 119 32.54 16.49 2.14
C ARG B 119 33.68 15.71 2.79
N LYS B 120 33.96 15.99 4.07
CA LYS B 120 35.00 15.26 4.79
C LYS B 120 34.70 13.77 4.83
N TRP B 121 33.43 13.41 4.98
CA TRP B 121 33.05 11.99 4.99
C TRP B 121 33.23 11.37 3.61
N GLY B 122 32.92 12.11 2.55
CA GLY B 122 33.08 11.58 1.21
C GLY B 122 34.53 11.34 0.82
N TYR B 123 35.45 12.14 1.37
CA TYR B 123 36.86 12.00 1.06
C TYR B 123 37.56 11.00 1.97
N THR B 124 37.12 10.87 3.22
CA THR B 124 37.75 9.99 4.19
C THR B 124 37.12 8.60 4.19
N VAL B 125 35.80 8.52 4.19
CA VAL B 125 35.09 7.25 4.31
C VAL B 125 34.68 6.69 2.95
N LYS B 126 34.02 7.51 2.13
CA LYS B 126 33.50 7.00 0.86
C LYS B 126 34.61 6.78 -0.16
N GLY B 127 35.69 7.55 -0.07
CA GLY B 127 36.81 7.38 -0.98
C GLY B 127 36.80 8.24 -2.20
N ILE B 128 36.04 9.34 -2.20
CA ILE B 128 36.00 10.25 -3.35
C ILE B 128 37.32 10.98 -3.46
N GLN B 129 37.80 11.15 -4.69
CA GLN B 129 39.00 11.95 -4.92
C GLN B 129 38.80 13.36 -4.38
N LYS B 130 39.84 13.88 -3.74
CA LYS B 130 39.70 15.12 -2.98
C LYS B 130 39.21 16.27 -3.85
N TYR B 131 38.24 17.00 -3.30
CA TYR B 131 37.68 18.20 -3.93
C TYR B 131 36.95 17.89 -5.23
N LYS B 132 36.39 16.68 -5.32
CA LYS B 132 35.50 16.29 -6.40
C LYS B 132 34.11 15.93 -5.93
N ALA B 133 33.85 15.99 -4.63
CA ALA B 133 32.55 15.58 -4.10
C ALA B 133 31.49 16.64 -4.35
N LYS B 134 30.27 16.18 -4.57
CA LYS B 134 29.13 17.05 -4.83
C LYS B 134 28.05 16.82 -3.78
N ILE B 135 27.26 17.87 -3.54
CA ILE B 135 26.10 17.80 -2.66
C ILE B 135 24.88 18.22 -3.46
N VAL B 136 23.82 17.42 -3.40
CA VAL B 136 22.60 17.66 -4.16
C VAL B 136 21.59 18.36 -3.28
N PHE B 137 20.90 19.35 -3.85
CA PHE B 137 19.86 20.09 -3.16
C PHE B 137 18.59 20.07 -4.01
N ALA B 138 17.50 20.53 -3.41
CA ALA B 138 16.22 20.64 -4.10
C ALA B 138 15.97 22.10 -4.47
N ALA B 139 15.35 22.30 -5.63
CA ALA B 139 15.02 23.65 -6.08
C ALA B 139 14.02 24.29 -5.12
N GLY B 140 14.21 25.57 -4.85
CA GLY B 140 13.35 26.27 -3.92
C GLY B 140 13.70 26.07 -2.47
N ASN B 141 14.94 25.66 -2.18
CA ASN B 141 15.38 25.43 -0.81
C ASN B 141 15.91 26.71 -0.19
N PHE B 142 15.89 26.76 1.14
CA PHE B 142 16.43 27.89 1.89
C PHE B 142 17.05 27.37 3.18
N TRP B 143 18.25 27.84 3.48
CA TRP B 143 18.97 27.47 4.69
C TRP B 143 20.03 28.55 4.97
N GLY B 144 19.57 29.78 5.10
CA GLY B 144 20.46 30.89 5.34
C GLY B 144 20.96 31.53 4.06
N ARG B 145 21.92 32.43 4.21
CA ARG B 145 22.38 33.21 3.09
C ARG B 145 23.88 33.46 3.16
N THR B 146 24.65 32.44 3.51
CA THR B 146 26.08 32.50 3.25
C THR B 146 26.33 32.31 1.75
N LEU B 147 27.57 32.57 1.33
CA LEU B 147 27.92 32.38 -0.07
C LEU B 147 27.67 30.94 -0.51
N SER B 148 27.93 29.98 0.38
CA SER B 148 27.62 28.58 0.07
C SER B 148 26.14 28.31 0.11
N ALA B 149 25.36 29.12 0.83
CA ALA B 149 23.92 28.92 0.91
C ALA B 149 23.22 29.41 -0.36
N ILE B 150 23.57 30.61 -0.81
CA ILE B 150 22.97 31.14 -2.03
C ILE B 150 23.47 30.39 -3.27
N SER B 151 24.58 29.67 -3.15
CA SER B 151 25.09 28.87 -4.26
C SER B 151 24.21 27.66 -4.56
N SER B 152 23.29 27.31 -3.67
CA SER B 152 22.40 26.18 -3.85
C SER B 152 20.94 26.59 -3.99
N SER B 153 20.67 27.88 -4.14
CA SER B 153 19.32 28.40 -4.21
C SER B 153 18.89 28.65 -5.65
N THR B 154 17.60 28.49 -5.91
CA THR B 154 17.00 28.84 -7.19
C THR B 154 16.23 30.15 -7.12
N ASP B 155 16.30 30.86 -6.00
CA ASP B 155 15.67 32.16 -5.85
C ASP B 155 16.62 33.22 -6.40
N PRO B 156 16.29 33.90 -7.50
CA PRO B 156 17.22 34.88 -8.06
C PRO B 156 17.53 36.04 -7.12
N THR B 157 16.61 36.41 -6.24
CA THR B 157 16.84 37.51 -5.32
C THR B 157 17.90 37.18 -4.27
N SER B 158 18.33 35.93 -4.17
CA SER B 158 19.31 35.52 -3.17
C SER B 158 20.73 35.50 -3.70
N TYR B 159 20.94 35.06 -4.95
CA TYR B 159 22.28 34.88 -5.49
C TYR B 159 22.66 35.92 -6.54
N ASP B 160 21.75 36.80 -6.93
CA ASP B 160 22.05 37.77 -7.98
C ASP B 160 23.07 38.80 -7.49
N GLY B 161 24.09 39.04 -8.31
CA GLY B 161 25.07 40.05 -8.00
C GLY B 161 25.98 39.75 -6.83
N PHE B 162 26.01 38.50 -6.37
CA PHE B 162 26.82 38.10 -5.23
C PHE B 162 27.99 37.20 -5.64
N GLY B 163 28.60 37.50 -6.78
CA GLY B 163 29.85 36.91 -7.16
C GLY B 163 29.77 35.45 -7.58
N PRO B 164 30.91 34.84 -7.85
CA PRO B 164 30.94 33.42 -8.22
C PRO B 164 30.44 32.55 -7.08
N PHE B 165 29.88 31.41 -7.44
CA PHE B 165 29.19 30.55 -6.49
C PHE B 165 30.02 29.32 -6.16
N MET B 166 29.65 28.66 -5.07
CA MET B 166 30.40 27.51 -4.59
C MET B 166 30.28 26.35 -5.57
N PRO B 167 31.38 25.79 -6.04
CA PRO B 167 31.30 24.62 -6.92
C PRO B 167 30.93 23.36 -6.14
N GLY B 168 30.46 22.36 -6.88
CA GLY B 168 30.09 21.09 -6.28
C GLY B 168 28.70 21.04 -5.71
N PHE B 169 27.80 21.96 -6.10
CA PHE B 169 26.42 21.97 -5.64
C PHE B 169 25.49 21.72 -6.82
N ASP B 170 24.82 20.59 -6.81
CA ASP B 170 23.85 20.24 -7.85
C ASP B 170 22.44 20.50 -7.35
N ILE B 171 21.55 20.85 -8.28
CA ILE B 171 20.18 21.20 -7.97
C ILE B 171 19.26 20.29 -8.77
N ILE B 172 18.38 19.58 -8.07
CA ILE B 172 17.37 18.74 -8.70
C ILE B 172 16.01 19.28 -8.29
N PRO B 173 14.97 19.04 -9.09
CA PRO B 173 13.63 19.50 -8.71
C PRO B 173 13.16 18.83 -7.42
N TYR B 174 12.46 19.61 -6.60
CA TYR B 174 11.91 19.09 -5.36
C TYR B 174 10.78 18.11 -5.65
N ASN B 175 10.62 17.13 -4.75
CA ASN B 175 9.59 16.10 -4.87
C ASN B 175 9.71 15.34 -6.19
N ASP B 176 10.93 14.88 -6.48
CA ASP B 176 11.23 14.18 -7.73
C ASP B 176 12.22 13.07 -7.40
N LEU B 177 11.70 11.86 -7.16
CA LEU B 177 12.52 10.71 -6.80
C LEU B 177 13.37 10.21 -7.97
N PRO B 178 12.83 10.07 -9.19
CA PRO B 178 13.70 9.67 -10.31
C PRO B 178 14.83 10.64 -10.59
N ALA B 179 14.60 11.94 -10.37
CA ALA B 179 15.69 12.91 -10.52
C ALA B 179 16.74 12.70 -9.44
N LEU B 180 16.32 12.39 -8.22
CA LEU B 180 17.28 12.07 -7.16
C LEU B 180 18.08 10.82 -7.50
N GLU B 181 17.42 9.81 -8.07
CA GLU B 181 18.10 8.58 -8.43
C GLU B 181 19.13 8.82 -9.52
N ARG B 182 18.75 9.51 -10.59
CA ARG B 182 19.68 9.77 -11.68
C ARG B 182 20.82 10.68 -11.26
N ALA B 183 20.62 11.49 -10.21
CA ALA B 183 21.69 12.33 -9.69
C ALA B 183 22.62 11.52 -8.78
N LEU B 184 22.07 10.63 -7.96
CA LEU B 184 22.89 9.82 -7.07
C LEU B 184 23.64 8.72 -7.81
N GLN B 185 23.35 8.50 -9.09
CA GLN B 185 24.14 7.54 -9.86
C GLN B 185 25.60 7.99 -10.01
N ASP B 186 25.87 9.27 -9.84
CA ASP B 186 27.24 9.76 -9.82
C ASP B 186 27.91 9.29 -8.53
N PRO B 187 29.01 8.54 -8.60
CA PRO B 187 29.66 8.07 -7.37
C PRO B 187 30.28 9.19 -6.54
N ASN B 188 30.37 10.41 -7.05
CA ASN B 188 31.05 11.49 -6.36
C ASN B 188 30.12 12.33 -5.49
N VAL B 189 28.81 12.11 -5.54
CA VAL B 189 27.91 12.84 -4.66
C VAL B 189 28.03 12.29 -3.25
N ALA B 190 28.26 13.18 -2.29
CA ALA B 190 28.46 12.80 -0.89
C ALA B 190 27.19 12.85 -0.06
N ALA B 191 26.29 13.79 -0.34
CA ALA B 191 25.09 13.91 0.46
C ALA B 191 24.00 14.58 -0.35
N PHE B 192 22.75 14.31 0.03
CA PHE B 192 21.59 15.00 -0.51
C PHE B 192 20.89 15.71 0.65
N MET B 193 20.91 17.04 0.63
CA MET B 193 20.31 17.86 1.67
C MET B 193 18.93 18.31 1.21
N VAL B 194 17.91 18.03 2.01
CA VAL B 194 16.54 18.36 1.66
C VAL B 194 15.79 18.73 2.93
N GLU B 195 14.72 19.49 2.76
CA GLU B 195 13.78 19.85 3.82
C GLU B 195 12.56 18.96 3.75
N PRO B 196 12.08 18.46 4.90
CA PRO B 196 10.83 17.68 4.86
C PRO B 196 9.66 18.46 4.31
N ILE B 197 9.58 19.75 4.63
CA ILE B 197 8.61 20.67 4.06
C ILE B 197 9.32 22.00 3.82
N GLN B 198 9.42 22.41 2.56
CA GLN B 198 10.10 23.66 2.22
C GLN B 198 9.28 24.84 2.75
N GLY B 199 9.81 25.51 3.77
CA GLY B 199 9.12 26.61 4.40
C GLY B 199 9.05 27.88 3.56
N GLU B 200 10.20 28.42 3.19
CA GLU B 200 10.24 29.68 2.45
C GLU B 200 9.78 29.53 1.01
N ALA B 201 9.59 28.30 0.52
CA ALA B 201 9.06 28.08 -0.82
C ALA B 201 7.55 28.21 -0.88
N GLY B 202 6.89 28.53 0.24
CA GLY B 202 5.45 28.64 0.27
C GLY B 202 4.80 27.47 0.97
N VAL B 203 5.54 26.83 1.88
CA VAL B 203 5.10 25.64 2.60
C VAL B 203 4.63 24.59 1.60
N VAL B 204 5.53 24.16 0.72
CA VAL B 204 5.21 23.10 -0.22
C VAL B 204 5.45 21.75 0.46
N VAL B 205 4.53 20.82 0.26
CA VAL B 205 4.56 19.53 0.94
C VAL B 205 4.82 18.46 -0.11
N PRO B 206 5.85 17.63 0.05
CA PRO B 206 6.08 16.53 -0.89
C PRO B 206 5.02 15.46 -0.75
N ASP B 207 4.88 14.67 -1.81
CA ASP B 207 3.88 13.62 -1.83
C ASP B 207 4.18 12.56 -0.77
N PRO B 208 3.15 11.88 -0.27
CA PRO B 208 3.38 10.79 0.70
C PRO B 208 4.26 9.70 0.10
N GLY B 209 5.24 9.27 0.89
CA GLY B 209 6.21 8.29 0.44
C GLY B 209 7.49 8.87 -0.13
N TYR B 210 7.61 10.20 -0.18
CA TYR B 210 8.80 10.81 -0.75
C TYR B 210 9.99 10.70 0.20
N LEU B 211 9.76 10.86 1.50
CA LEU B 211 10.86 10.85 2.45
C LEU B 211 11.51 9.46 2.53
N MET B 212 10.70 8.40 2.56
CA MET B 212 11.28 7.06 2.59
C MET B 212 11.93 6.71 1.26
N GLY B 213 11.42 7.24 0.15
CA GLY B 213 12.09 7.04 -1.12
C GLY B 213 13.45 7.73 -1.17
N VAL B 214 13.55 8.92 -0.58
CA VAL B 214 14.84 9.61 -0.49
C VAL B 214 15.80 8.82 0.38
N ARG B 215 15.33 8.33 1.52
CA ARG B 215 16.16 7.49 2.37
C ARG B 215 16.59 6.22 1.65
N GLU B 216 15.67 5.58 0.93
CA GLU B 216 16.01 4.36 0.20
C GLU B 216 17.07 4.62 -0.86
N LEU B 217 16.94 5.75 -1.58
CA LEU B 217 17.91 6.06 -2.63
C LEU B 217 19.25 6.48 -2.05
N CYS B 218 19.24 7.19 -0.92
CA CYS B 218 20.50 7.62 -0.32
C CYS B 218 21.28 6.46 0.26
N THR B 219 20.59 5.55 0.96
CA THR B 219 21.26 4.40 1.54
C THR B 219 21.75 3.43 0.45
N ARG B 220 21.00 3.31 -0.64
CA ARG B 220 21.39 2.40 -1.72
C ARG B 220 22.67 2.85 -2.39
N HIS B 221 22.83 4.15 -2.60
CA HIS B 221 24.00 4.69 -3.30
C HIS B 221 25.05 5.25 -2.36
N GLN B 222 24.99 4.89 -1.07
CA GLN B 222 25.96 5.32 -0.06
C GLN B 222 26.07 6.85 -0.03
N VAL B 223 24.92 7.52 0.06
CA VAL B 223 24.84 8.96 0.07
C VAL B 223 24.21 9.39 1.40
N LEU B 224 24.77 10.45 1.99
CA LEU B 224 24.29 10.93 3.28
C LEU B 224 22.99 11.69 3.13
N PHE B 225 21.97 11.29 3.89
CA PHE B 225 20.70 12.00 3.93
C PHE B 225 20.81 13.11 4.97
N ILE B 226 20.80 14.36 4.50
CA ILE B 226 20.79 15.52 5.38
C ILE B 226 19.38 16.08 5.40
N ALA B 227 18.77 16.13 6.59
CA ALA B 227 17.41 16.62 6.77
C ALA B 227 17.45 17.98 7.45
N ASP B 228 16.97 19.00 6.74
CA ASP B 228 16.93 20.36 7.28
C ASP B 228 15.63 20.51 8.07
N GLU B 229 15.71 20.27 9.37
CA GLU B 229 14.57 20.40 10.28
C GLU B 229 14.68 21.66 11.14
N ILE B 230 15.40 22.67 10.64
CA ILE B 230 15.59 23.90 11.41
C ILE B 230 14.26 24.61 11.62
N GLN B 231 13.40 24.60 10.59
CA GLN B 231 12.08 25.21 10.68
C GLN B 231 10.97 24.19 10.89
N THR B 232 11.09 23.00 10.29
CA THR B 232 10.02 22.01 10.39
C THR B 232 10.10 21.21 11.67
N GLY B 233 11.29 21.04 12.23
CA GLY B 233 11.46 20.23 13.42
C GLY B 233 10.92 20.90 14.67
N LEU B 234 11.09 20.19 15.79
CA LEU B 234 10.77 20.70 17.12
C LEU B 234 9.26 20.95 17.27
N ALA B 235 8.50 19.86 17.13
CA ALA B 235 7.08 19.76 17.46
C ALA B 235 6.16 20.62 16.60
N ARG B 236 6.67 21.30 15.58
CA ARG B 236 5.80 22.20 14.81
C ARG B 236 4.83 21.42 13.93
N THR B 237 5.32 20.41 13.21
CA THR B 237 4.48 19.70 12.26
C THR B 237 3.65 18.60 12.89
N GLY B 238 3.77 18.37 14.19
CA GLY B 238 3.01 17.36 14.90
C GLY B 238 3.84 16.27 15.55
N ARG B 239 5.08 16.10 15.13
CA ARG B 239 6.01 15.15 15.72
C ARG B 239 7.27 15.89 16.16
N TRP B 240 8.17 15.16 16.84
CA TRP B 240 9.46 15.74 17.18
C TRP B 240 10.18 16.26 15.93
N LEU B 241 10.11 15.50 14.85
CA LEU B 241 10.61 15.91 13.55
C LEU B 241 9.55 15.63 12.50
N ALA B 242 9.50 16.48 11.47
CA ALA B 242 8.57 16.24 10.38
C ALA B 242 8.87 14.94 9.65
N VAL B 243 10.15 14.53 9.66
CA VAL B 243 10.54 13.28 9.01
C VAL B 243 9.96 12.08 9.74
N ASP B 244 9.57 12.23 11.01
CA ASP B 244 8.98 11.14 11.78
C ASP B 244 7.64 10.68 11.22
N TYR B 245 7.01 11.48 10.35
CA TYR B 245 5.75 11.09 9.74
C TYR B 245 5.89 9.90 8.79
N GLU B 246 7.10 9.52 8.41
CA GLU B 246 7.33 8.36 7.56
C GLU B 246 8.38 7.42 8.14
N ASN B 247 8.70 7.57 9.43
CA ASN B 247 9.62 6.67 10.14
C ASN B 247 10.98 6.60 9.45
N VAL B 248 11.48 7.75 9.00
CA VAL B 248 12.77 7.82 8.31
C VAL B 248 13.81 8.38 9.27
N ARG B 249 14.95 7.70 9.35
CA ARG B 249 16.06 8.18 10.17
C ARG B 249 17.14 8.77 9.26
N PRO B 250 17.22 10.09 9.12
CA PRO B 250 18.25 10.67 8.27
C PRO B 250 19.64 10.48 8.86
N ASP B 251 20.64 10.52 7.97
CA ASP B 251 22.03 10.40 8.41
C ASP B 251 22.45 11.62 9.22
N ILE B 252 22.12 12.82 8.73
CA ILE B 252 22.38 14.07 9.44
C ILE B 252 21.07 14.84 9.54
N VAL B 253 20.80 15.42 10.70
CA VAL B 253 19.60 16.20 10.93
C VAL B 253 20.00 17.54 11.55
N LEU B 254 19.49 18.63 10.99
CA LEU B 254 19.80 19.97 11.45
C LEU B 254 18.64 20.53 12.26
N LEU B 255 18.96 21.18 13.38
CA LEU B 255 17.98 21.78 14.25
C LEU B 255 18.38 23.21 14.58
N GLY B 256 17.38 24.07 14.73
CA GLY B 256 17.64 25.46 15.06
C GLY B 256 16.35 26.19 15.38
N LYS B 257 16.48 27.51 15.49
CA LYS B 257 15.34 28.40 15.75
C LYS B 257 14.60 28.02 17.01
N ALA B 258 13.57 27.18 16.88
CA ALA B 258 12.77 26.76 18.02
C ALA B 258 13.57 25.96 19.04
N LEU B 259 14.83 25.64 18.75
CA LEU B 259 15.68 24.94 19.71
C LEU B 259 15.90 25.75 20.97
N SER B 260 15.66 27.06 20.93
CA SER B 260 15.85 27.93 22.08
C SER B 260 14.63 28.77 22.42
N GLY B 261 13.55 28.67 21.65
CA GLY B 261 12.37 29.47 21.94
C GLY B 261 12.54 30.96 21.66
N GLY B 262 13.50 31.34 20.82
CA GLY B 262 13.69 32.73 20.48
C GLY B 262 14.54 33.52 21.45
N LEU B 263 15.13 32.88 22.46
CA LEU B 263 15.92 33.60 23.45
C LEU B 263 17.40 33.66 23.12
N TYR B 264 17.91 32.75 22.29
CA TYR B 264 19.35 32.68 22.05
C TYR B 264 19.61 31.95 20.75
N PRO B 265 20.56 32.40 19.93
CA PRO B 265 20.88 31.65 18.71
C PRO B 265 21.57 30.33 19.01
N VAL B 266 20.83 29.22 18.95
CA VAL B 266 21.37 27.89 19.20
C VAL B 266 20.93 26.98 18.07
N SER B 267 21.89 26.27 17.48
CA SER B 267 21.61 25.29 16.44
C SER B 267 22.43 24.04 16.71
N ALA B 268 21.96 22.91 16.19
CA ALA B 268 22.57 21.62 16.46
C ALA B 268 22.64 20.79 15.20
N VAL B 269 23.70 19.99 15.09
CA VAL B 269 23.90 19.06 14.00
C VAL B 269 24.03 17.66 14.60
N LEU B 270 23.02 16.83 14.38
CA LEU B 270 22.96 15.48 14.94
C LEU B 270 23.32 14.46 13.89
N CYS B 271 24.30 13.60 14.20
CA CYS B 271 24.65 12.48 13.34
C CYS B 271 25.46 11.48 14.16
N ASP B 272 25.73 10.32 13.55
CA ASP B 272 26.36 9.22 14.26
C ASP B 272 27.88 9.39 14.29
N ASP B 273 28.58 8.35 14.76
CA ASP B 273 30.02 8.45 14.99
C ASP B 273 30.80 8.44 13.67
N ASP B 274 30.51 7.48 12.79
CA ASP B 274 31.26 7.34 11.55
C ASP B 274 31.09 8.52 10.61
N ILE B 275 30.21 9.47 10.94
CA ILE B 275 30.06 10.71 10.20
C ILE B 275 30.64 11.90 10.95
N MET B 276 30.34 11.99 12.25
CA MET B 276 30.79 13.14 13.04
C MET B 276 32.29 13.08 13.31
N LEU B 277 32.83 11.88 13.53
CA LEU B 277 34.24 11.74 13.88
C LEU B 277 35.17 11.97 12.70
N THR B 278 34.65 12.32 11.52
CA THR B 278 35.51 12.66 10.39
C THR B 278 36.20 14.01 10.56
N ILE B 279 35.76 14.82 11.52
CA ILE B 279 36.37 16.12 11.80
C ILE B 279 37.23 15.97 13.04
N LYS B 280 38.55 16.02 12.85
CA LYS B 280 39.49 15.94 13.96
C LYS B 280 39.49 17.26 14.74
N PRO B 281 40.02 17.26 15.96
CA PRO B 281 40.03 18.49 16.76
C PRO B 281 40.75 19.63 16.04
N GLY B 282 40.21 20.83 16.20
CA GLY B 282 40.77 22.02 15.59
C GLY B 282 40.41 22.23 14.13
N GLU B 283 39.66 21.32 13.53
CA GLU B 283 39.31 21.40 12.12
C GLU B 283 37.94 22.02 11.87
N HIS B 284 37.23 22.42 12.92
CA HIS B 284 35.94 23.09 12.80
C HIS B 284 35.56 23.61 14.18
N GLY B 285 34.65 24.58 14.20
CA GLY B 285 34.15 25.09 15.46
C GLY B 285 33.48 26.44 15.28
N SER B 286 33.38 27.17 16.39
CA SER B 286 32.76 28.48 16.45
C SER B 286 33.03 29.08 17.82
N THR B 287 32.91 30.40 17.91
CA THR B 287 33.16 31.08 19.18
C THR B 287 32.05 30.79 20.18
N TYR B 288 30.81 31.14 19.85
CA TYR B 288 29.67 30.97 20.74
C TYR B 288 29.03 29.60 20.63
N GLY B 289 29.48 28.76 19.71
CA GLY B 289 28.91 27.43 19.56
C GLY B 289 29.12 26.54 20.77
N GLY B 290 28.04 26.24 21.48
CA GLY B 290 28.12 25.43 22.68
C GLY B 290 28.36 26.17 23.96
N ASN B 291 28.06 27.46 24.01
CA ASN B 291 28.27 28.25 25.22
C ASN B 291 27.31 27.80 26.32
N PRO B 292 27.69 27.97 27.58
CA PRO B 292 26.81 27.51 28.68
C PRO B 292 25.43 28.14 28.65
N LEU B 293 25.34 29.45 28.44
CA LEU B 293 24.03 30.12 28.47
C LEU B 293 23.11 29.56 27.40
N GLY B 294 23.60 29.45 26.16
CA GLY B 294 22.79 28.89 25.10
C GLY B 294 22.39 27.44 25.34
N CYS B 295 23.23 26.69 26.05
CA CYS B 295 22.90 25.30 26.37
C CYS B 295 21.73 25.22 27.33
N ARG B 296 21.78 25.99 28.43
CA ARG B 296 20.66 26.02 29.36
C ARG B 296 19.36 26.42 28.68
N VAL B 297 19.43 27.39 27.76
CA VAL B 297 18.23 27.81 27.04
C VAL B 297 17.71 26.68 26.17
N ALA B 298 18.62 25.93 25.54
CA ALA B 298 18.19 24.83 24.67
C ALA B 298 17.55 23.71 25.48
N ILE B 299 18.12 23.38 26.63
CA ILE B 299 17.55 22.35 27.49
C ILE B 299 16.16 22.75 27.96
N ALA B 300 16.01 24.01 28.38
CA ALA B 300 14.71 24.48 28.85
C ALA B 300 13.68 24.49 27.73
N ALA B 301 14.07 24.96 26.54
CA ALA B 301 13.14 24.99 25.42
C ALA B 301 12.72 23.58 25.02
N LEU B 302 13.64 22.63 25.05
CA LEU B 302 13.31 21.24 24.74
C LEU B 302 12.45 20.63 25.83
N GLU B 303 12.65 21.02 27.08
CA GLU B 303 11.87 20.45 28.18
C GLU B 303 10.42 20.90 28.11
N VAL B 304 10.19 22.20 27.94
CA VAL B 304 8.82 22.69 27.82
C VAL B 304 8.15 22.14 26.57
N LEU B 305 8.95 21.76 25.57
CA LEU B 305 8.39 21.21 24.33
C LEU B 305 7.89 19.78 24.54
N GLU B 306 8.53 19.03 25.44
CA GLU B 306 8.13 17.66 25.73
C GLU B 306 7.08 17.57 26.84
N GLU B 307 7.14 18.46 27.83
CA GLU B 307 6.23 18.36 28.97
C GLU B 307 4.79 18.62 28.54
N GLU B 308 4.54 19.74 27.88
CA GLU B 308 3.19 20.12 27.50
C GLU B 308 2.68 19.37 26.27
N ASN B 309 3.51 18.51 25.67
CA ASN B 309 3.12 17.73 24.49
C ASN B 309 2.64 18.64 23.35
N LEU B 310 3.47 19.64 23.02
CA LEU B 310 3.11 20.57 21.96
C LEU B 310 3.01 19.90 20.60
N ALA B 311 3.63 18.73 20.44
CA ALA B 311 3.55 18.02 19.18
C ALA B 311 2.13 17.51 18.92
N GLU B 312 1.54 16.83 19.91
CA GLU B 312 0.17 16.36 19.74
C GLU B 312 -0.80 17.52 19.62
N ASN B 313 -0.59 18.58 20.39
CA ASN B 313 -1.49 19.72 20.34
C ASN B 313 -1.40 20.44 18.99
N ALA B 314 -0.19 20.56 18.44
CA ALA B 314 -0.04 21.16 17.12
C ALA B 314 -0.66 20.30 16.03
N ASP B 315 -0.65 18.97 16.22
CA ASP B 315 -1.26 18.09 15.24
C ASP B 315 -2.78 18.28 15.19
N LYS B 316 -3.41 18.25 16.36
CA LYS B 316 -4.87 18.35 16.41
C LYS B 316 -5.35 19.74 16.02
N LEU B 317 -4.68 20.78 16.53
CA LEU B 317 -5.10 22.15 16.19
C LEU B 317 -4.83 22.47 14.73
N GLY B 318 -3.78 21.89 14.15
CA GLY B 318 -3.54 22.06 12.73
C GLY B 318 -4.57 21.38 11.87
N ILE B 319 -5.09 20.23 12.32
CA ILE B 319 -6.19 19.57 11.62
C ILE B 319 -7.42 20.47 11.63
N ILE B 320 -7.72 21.06 12.79
CA ILE B 320 -8.85 21.97 12.90
C ILE B 320 -8.63 23.21 12.05
N LEU B 321 -7.41 23.75 12.05
CA LEU B 321 -7.12 24.94 11.26
C LEU B 321 -7.31 24.67 9.77
N ARG B 322 -6.80 23.53 9.29
CA ARG B 322 -6.91 23.21 7.87
C ARG B 322 -8.35 22.91 7.46
N ASN B 323 -9.10 22.25 8.34
CA ASN B 323 -10.50 21.93 8.02
C ASN B 323 -11.36 23.19 7.96
N GLU B 324 -11.05 24.20 8.79
CA GLU B 324 -11.78 25.46 8.74
C GLU B 324 -11.31 26.34 7.59
N LEU B 325 -10.04 26.22 7.21
CA LEU B 325 -9.53 27.03 6.10
C LEU B 325 -10.07 26.55 4.76
N MET B 326 -10.30 25.25 4.61
CA MET B 326 -10.85 24.75 3.35
C MET B 326 -12.33 25.08 3.18
N LYS B 327 -12.97 25.65 4.20
CA LYS B 327 -14.36 26.07 4.06
C LYS B 327 -14.50 27.32 3.19
N LEU B 328 -13.43 28.08 3.02
CA LEU B 328 -13.44 29.18 2.07
C LEU B 328 -13.72 28.64 0.68
N PRO B 329 -14.66 29.22 -0.07
CA PRO B 329 -15.01 28.66 -1.38
C PRO B 329 -13.82 28.65 -2.34
N SER B 330 -13.95 27.85 -3.40
CA SER B 330 -12.82 27.48 -4.24
C SER B 330 -12.32 28.64 -5.07
N ASP B 331 -12.95 29.81 -4.96
CA ASP B 331 -12.53 30.97 -5.71
C ASP B 331 -11.59 31.89 -4.92
N VAL B 332 -11.85 32.09 -3.62
CA VAL B 332 -11.04 33.01 -2.84
C VAL B 332 -9.65 32.42 -2.60
N VAL B 333 -9.59 31.24 -2.01
CA VAL B 333 -8.33 30.55 -1.75
C VAL B 333 -8.26 29.36 -2.69
N THR B 334 -7.20 29.32 -3.51
CA THR B 334 -7.07 28.27 -4.51
C THR B 334 -6.61 26.95 -3.89
N ALA B 335 -5.79 27.00 -2.84
CA ALA B 335 -5.26 25.78 -2.23
C ALA B 335 -4.86 26.06 -0.79
N VAL B 336 -5.04 25.05 0.06
CA VAL B 336 -4.62 25.08 1.45
C VAL B 336 -3.79 23.83 1.71
N ARG B 337 -2.56 24.01 2.21
CA ARG B 337 -1.67 22.89 2.46
C ARG B 337 -0.83 23.18 3.70
N GLY B 338 -0.40 22.12 4.35
CA GLY B 338 0.44 22.24 5.52
C GLY B 338 0.37 21.01 6.39
N LYS B 339 1.24 20.99 7.40
CA LYS B 339 1.28 19.92 8.39
C LYS B 339 1.47 20.53 9.77
N GLY B 340 0.80 19.95 10.76
CA GLY B 340 0.85 20.51 12.10
C GLY B 340 0.32 21.94 12.10
N LEU B 341 0.98 22.81 12.86
CA LEU B 341 0.64 24.22 12.88
C LEU B 341 1.47 25.03 11.88
N LEU B 342 2.03 24.39 10.86
CA LEU B 342 2.72 25.06 9.77
C LEU B 342 1.86 24.87 8.52
N ASN B 343 1.09 25.90 8.17
CA ASN B 343 0.15 25.84 7.07
C ASN B 343 0.28 27.08 6.21
N ALA B 344 -0.36 27.04 5.05
CA ALA B 344 -0.32 28.17 4.11
C ALA B 344 -1.53 28.08 3.19
N ILE B 345 -1.98 29.24 2.73
CA ILE B 345 -3.07 29.34 1.77
C ILE B 345 -2.56 30.10 0.55
N VAL B 346 -3.17 29.81 -0.60
CA VAL B 346 -2.81 30.44 -1.87
C VAL B 346 -3.93 31.40 -2.26
N ILE B 347 -3.59 32.67 -2.42
CA ILE B 347 -4.56 33.71 -2.72
C ILE B 347 -4.53 33.99 -4.21
N LYS B 348 -5.71 34.12 -4.82
CA LYS B 348 -5.81 34.52 -6.22
C LYS B 348 -5.30 35.95 -6.37
N GLU B 349 -4.22 36.11 -7.12
CA GLU B 349 -3.57 37.42 -7.28
C GLU B 349 -4.15 38.09 -8.52
N THR B 350 -5.25 38.82 -8.32
CA THR B 350 -5.88 39.57 -9.38
C THR B 350 -5.38 41.02 -9.34
N LYS B 351 -6.00 41.88 -10.13
CA LYS B 351 -5.67 43.30 -10.09
C LYS B 351 -6.31 44.01 -8.91
N ASP B 352 -7.30 43.38 -8.27
CA ASP B 352 -7.99 44.02 -7.14
C ASP B 352 -7.18 43.93 -5.86
N TRP B 353 -6.35 42.90 -5.71
CA TRP B 353 -5.66 42.67 -4.44
C TRP B 353 -4.49 41.72 -4.68
N ASP B 354 -3.69 41.53 -3.62
CA ASP B 354 -2.66 40.51 -3.58
C ASP B 354 -2.47 40.10 -2.13
N ALA B 355 -1.61 39.10 -1.92
CA ALA B 355 -1.39 38.57 -0.57
C ALA B 355 -0.83 39.62 0.38
N TRP B 356 -0.10 40.61 -0.15
CA TRP B 356 0.43 41.67 0.68
C TRP B 356 -0.71 42.46 1.34
N LYS B 357 -1.61 43.00 0.53
CA LYS B 357 -2.73 43.78 1.06
C LYS B 357 -3.60 42.96 1.99
N VAL B 358 -3.69 41.65 1.77
CA VAL B 358 -4.47 40.79 2.66
C VAL B 358 -3.84 40.76 4.05
N CYS B 359 -2.51 40.65 4.11
CA CYS B 359 -1.83 40.65 5.40
C CYS B 359 -1.85 42.03 6.05
N LEU B 360 -1.96 43.09 5.26
CA LEU B 360 -2.11 44.42 5.83
C LEU B 360 -3.45 44.56 6.54
N ARG B 361 -4.53 44.11 5.90
CA ARG B 361 -5.84 44.17 6.55
C ARG B 361 -5.93 43.19 7.71
N LEU B 362 -5.21 42.07 7.62
CA LEU B 362 -5.11 41.18 8.77
C LEU B 362 -4.42 41.87 9.94
N ARG B 363 -3.38 42.67 9.64
CA ARG B 363 -2.72 43.44 10.68
C ARG B 363 -3.68 44.44 11.32
N ASP B 364 -4.55 45.06 10.51
CA ASP B 364 -5.52 46.02 11.02
C ASP B 364 -6.57 45.36 11.90
N ASN B 365 -6.81 44.07 11.73
CA ASN B 365 -7.84 43.37 12.48
C ASN B 365 -7.28 42.51 13.61
N GLY B 366 -5.98 42.60 13.88
CA GLY B 366 -5.41 41.99 15.06
C GLY B 366 -4.69 40.68 14.88
N LEU B 367 -4.33 40.30 13.65
CA LEU B 367 -3.59 39.07 13.40
C LEU B 367 -2.40 39.38 12.51
N LEU B 368 -1.23 38.88 12.88
CA LEU B 368 0.02 39.18 12.19
C LEU B 368 0.45 37.97 11.38
N ALA B 369 0.46 38.12 10.05
CA ALA B 369 0.98 37.13 9.12
C ALA B 369 1.83 37.85 8.09
N LYS B 370 2.40 37.09 7.16
CA LYS B 370 3.23 37.71 6.13
C LYS B 370 3.26 36.85 4.88
N PRO B 371 3.15 37.46 3.69
CA PRO B 371 3.26 36.70 2.45
C PRO B 371 4.71 36.42 2.11
N THR B 372 4.93 35.26 1.49
CA THR B 372 6.27 34.82 1.11
C THR B 372 6.45 34.67 -0.39
N HIS B 373 5.40 34.86 -1.19
CA HIS B 373 5.54 34.73 -2.63
C HIS B 373 4.62 35.66 -3.42
N GLY B 374 3.94 36.61 -2.79
CA GLY B 374 2.99 37.47 -3.45
C GLY B 374 1.61 36.90 -3.60
N ASP B 375 1.46 35.56 -3.52
CA ASP B 375 0.14 34.94 -3.56
C ASP B 375 -0.01 33.86 -2.49
N ILE B 376 0.96 33.70 -1.59
CA ILE B 376 0.94 32.69 -0.56
C ILE B 376 1.03 33.36 0.79
N ILE B 377 0.12 33.00 1.70
CA ILE B 377 0.11 33.53 3.06
C ILE B 377 0.29 32.37 4.02
N ARG B 378 1.27 32.49 4.92
CA ARG B 378 1.62 31.44 5.85
C ARG B 378 0.94 31.65 7.19
N PHE B 379 0.44 30.56 7.78
CA PHE B 379 -0.20 30.57 9.09
C PHE B 379 0.58 29.64 10.01
N ALA B 380 1.26 30.20 11.00
CA ALA B 380 2.09 29.42 11.92
C ALA B 380 2.03 30.06 13.30
N PRO B 381 1.01 29.73 14.09
CA PRO B 381 0.93 30.27 15.45
C PRO B 381 1.80 29.47 16.40
N PRO B 382 2.18 30.04 17.54
CA PRO B 382 2.94 29.27 18.53
C PRO B 382 2.14 28.07 19.00
N LEU B 383 2.84 26.96 19.23
CA LEU B 383 2.18 25.70 19.58
C LEU B 383 1.52 25.74 20.95
N VAL B 384 1.70 26.81 21.72
CA VAL B 384 1.00 26.95 23.01
C VAL B 384 -0.40 27.49 22.85
N ILE B 385 -0.86 27.73 21.62
CA ILE B 385 -2.20 28.24 21.41
C ILE B 385 -3.23 27.18 21.77
N LYS B 386 -4.44 27.64 22.07
CA LYS B 386 -5.54 26.77 22.46
C LYS B 386 -6.65 26.84 21.43
N GLU B 387 -7.67 25.99 21.62
CA GLU B 387 -8.75 25.90 20.64
C GLU B 387 -9.59 27.18 20.62
N ASP B 388 -9.76 27.82 21.77
CA ASP B 388 -10.52 29.07 21.83
C ASP B 388 -9.80 30.17 21.05
N GLU B 389 -8.50 30.36 21.33
CA GLU B 389 -7.73 31.40 20.66
C GLU B 389 -7.57 31.10 19.18
N LEU B 390 -7.44 29.82 18.82
CA LEU B 390 -7.30 29.45 17.43
C LEU B 390 -8.57 29.75 16.65
N ARG B 391 -9.73 29.45 17.24
CA ARG B 391 -10.99 29.69 16.54
C ARG B 391 -11.32 31.17 16.45
N GLU B 392 -10.93 31.96 17.46
CA GLU B 392 -11.04 33.41 17.33
C GLU B 392 -10.14 33.92 16.23
N SER B 393 -8.95 33.32 16.09
CA SER B 393 -8.05 33.70 15.00
C SER B 393 -8.63 33.32 13.65
N ILE B 394 -9.23 32.13 13.55
CA ILE B 394 -9.84 31.71 12.29
C ILE B 394 -10.99 32.64 11.92
N GLU B 395 -11.80 33.04 12.90
CA GLU B 395 -12.91 33.95 12.63
C GLU B 395 -12.40 35.31 12.15
N ILE B 396 -11.27 35.77 12.70
CA ILE B 396 -10.66 37.00 12.23
C ILE B 396 -10.16 36.84 10.80
N ILE B 397 -9.61 35.66 10.49
CA ILE B 397 -9.14 35.40 9.12
C ILE B 397 -10.31 35.43 8.15
N ASN B 398 -11.45 34.83 8.53
CA ASN B 398 -12.60 34.82 7.65
C ASN B 398 -13.19 36.23 7.49
N LYS B 399 -13.23 37.00 8.56
CA LYS B 399 -13.69 38.38 8.47
C LYS B 399 -12.80 39.21 7.55
N THR B 400 -11.49 38.95 7.59
CA THR B 400 -10.56 39.71 6.78
C THR B 400 -10.63 39.30 5.31
N ILE B 401 -10.82 38.00 5.05
CA ILE B 401 -10.85 37.51 3.68
C ILE B 401 -12.10 37.99 2.95
N LEU B 402 -13.26 37.86 3.61
CA LEU B 402 -14.54 38.20 3.01
C LEU B 402 -14.83 39.70 3.00
N SER B 403 -13.82 40.55 3.19
CA SER B 403 -14.01 41.99 3.22
C SER B 403 -13.16 42.70 2.17
N PHE B 404 -12.85 41.99 1.08
CA PHE B 404 -12.08 42.59 -0.01
C PHE B 404 -12.92 42.74 -1.28
N PRO C 3 29.44 -42.55 -9.77
CA PRO C 3 28.09 -41.98 -9.60
C PRO C 3 27.76 -40.96 -10.68
N THR C 4 26.95 -41.35 -11.66
CA THR C 4 26.52 -40.45 -12.71
C THR C 4 25.19 -39.80 -12.33
N SER C 5 24.81 -38.78 -13.10
CA SER C 5 23.61 -38.00 -12.78
C SER C 5 22.35 -38.85 -12.89
N ASP C 6 22.22 -39.62 -13.96
CA ASP C 6 21.01 -40.42 -14.17
C ASP C 6 20.93 -41.58 -13.17
N ASP C 7 22.08 -42.11 -12.74
CA ASP C 7 22.05 -43.11 -11.67
C ASP C 7 21.52 -42.51 -10.38
N ILE C 8 21.90 -41.26 -10.09
CA ILE C 8 21.40 -40.57 -8.91
C ILE C 8 19.90 -40.33 -9.05
N PHE C 9 19.44 -39.97 -10.25
CA PHE C 9 18.02 -39.69 -10.46
C PHE C 9 17.17 -40.93 -10.19
N GLU C 10 17.47 -42.03 -10.89
CA GLU C 10 16.70 -43.26 -10.73
C GLU C 10 16.83 -43.84 -9.33
N ARG C 11 17.98 -43.66 -8.69
CA ARG C 11 18.17 -44.22 -7.35
C ARG C 11 17.31 -43.48 -6.33
N GLU C 12 17.29 -42.15 -6.39
CA GLU C 12 16.41 -41.38 -5.50
C GLU C 12 14.95 -41.63 -5.83
N TYR C 13 14.62 -41.87 -7.09
CA TYR C 13 13.25 -42.22 -7.47
C TYR C 13 12.86 -43.59 -6.91
N LYS C 14 13.83 -44.45 -6.61
CA LYS C 14 13.53 -45.78 -6.12
C LYS C 14 13.45 -45.84 -4.60
N TYR C 15 14.33 -45.12 -3.90
CA TYR C 15 14.42 -45.18 -2.44
C TYR C 15 14.05 -43.86 -1.78
N GLY C 16 13.41 -42.96 -2.50
CA GLY C 16 13.05 -41.67 -1.95
C GLY C 16 11.61 -41.31 -2.25
N ALA C 17 11.01 -40.55 -1.34
CA ALA C 17 9.65 -40.08 -1.51
C ALA C 17 9.56 -39.13 -2.69
N HIS C 18 8.41 -39.16 -3.37
CA HIS C 18 8.17 -38.31 -4.53
C HIS C 18 7.55 -36.98 -4.17
N ASN C 19 7.92 -36.40 -3.02
CA ASN C 19 7.35 -35.13 -2.60
C ASN C 19 7.99 -33.93 -3.29
N TYR C 20 9.02 -34.15 -4.11
CA TYR C 20 9.69 -33.08 -4.83
C TYR C 20 9.86 -33.46 -6.30
N HIS C 21 9.81 -32.46 -7.17
CA HIS C 21 10.11 -32.61 -8.59
C HIS C 21 11.29 -31.70 -8.90
N PRO C 22 12.50 -32.09 -8.52
CA PRO C 22 13.65 -31.20 -8.64
C PRO C 22 14.09 -31.04 -10.09
N LEU C 23 14.96 -30.06 -10.31
CA LEU C 23 15.55 -29.84 -11.62
C LEU C 23 16.62 -30.89 -11.88
N PRO C 24 16.64 -31.51 -13.07
CA PRO C 24 17.63 -32.57 -13.32
C PRO C 24 19.07 -32.09 -13.28
N VAL C 25 19.64 -32.02 -12.08
CA VAL C 25 21.04 -31.68 -11.89
C VAL C 25 21.48 -32.17 -10.51
N ALA C 26 22.52 -33.00 -10.47
CA ALA C 26 22.98 -33.65 -9.24
C ALA C 26 24.29 -32.99 -8.80
N LEU C 27 24.20 -32.05 -7.87
CA LEU C 27 25.37 -31.34 -7.36
C LEU C 27 26.13 -32.20 -6.36
N GLU C 28 27.45 -31.96 -6.29
CA GLU C 28 28.30 -32.66 -5.35
C GLU C 28 29.15 -31.74 -4.49
N ARG C 29 29.37 -30.49 -4.88
CA ARG C 29 30.19 -29.56 -4.13
C ARG C 29 29.66 -28.15 -4.32
N GLY C 30 29.90 -27.30 -3.32
CA GLY C 30 29.49 -25.92 -3.39
C GLY C 30 30.47 -24.98 -2.70
N LYS C 31 30.68 -23.80 -3.29
CA LYS C 31 31.61 -22.83 -2.74
C LYS C 31 31.19 -21.44 -3.19
N GLY C 32 30.94 -20.55 -2.24
CA GLY C 32 30.53 -19.20 -2.54
C GLY C 32 29.25 -19.10 -3.34
N ILE C 33 29.38 -18.74 -4.62
CA ILE C 33 28.24 -18.59 -5.52
C ILE C 33 28.17 -19.70 -6.55
N TYR C 34 29.11 -20.63 -6.55
CA TYR C 34 29.19 -21.67 -7.56
C TYR C 34 28.83 -23.02 -6.97
N LEU C 35 28.31 -23.90 -7.83
CA LEU C 35 27.97 -25.28 -7.46
C LEU C 35 28.52 -26.21 -8.53
N TRP C 36 29.06 -27.35 -8.11
CA TRP C 36 29.66 -28.32 -9.01
C TRP C 36 28.86 -29.62 -8.95
N ASP C 37 28.46 -30.12 -10.12
CA ASP C 37 27.75 -31.39 -10.20
C ASP C 37 28.75 -32.55 -10.21
N VAL C 38 28.22 -33.77 -10.22
CA VAL C 38 29.06 -34.95 -10.09
C VAL C 38 29.91 -35.22 -11.34
N GLU C 39 29.63 -34.55 -12.46
CA GLU C 39 30.40 -34.75 -13.68
C GLU C 39 31.40 -33.63 -13.93
N GLY C 40 31.56 -32.70 -13.00
CA GLY C 40 32.60 -31.70 -13.07
C GLY C 40 32.15 -30.31 -13.52
N ARG C 41 30.96 -30.18 -14.09
CA ARG C 41 30.48 -28.88 -14.54
C ARG C 41 30.12 -28.01 -13.34
N LYS C 42 30.25 -26.70 -13.53
CA LYS C 42 29.93 -25.73 -12.49
C LYS C 42 28.84 -24.79 -12.98
N TYR C 43 28.03 -24.31 -12.03
CA TYR C 43 26.88 -23.47 -12.35
C TYR C 43 26.81 -22.32 -11.37
N PHE C 44 26.26 -21.19 -11.83
CA PHE C 44 25.90 -20.11 -10.93
C PHE C 44 24.67 -20.53 -10.12
N ASP C 45 24.74 -20.34 -8.81
CA ASP C 45 23.61 -20.65 -7.92
C ASP C 45 22.77 -19.40 -7.77
N PHE C 46 21.58 -19.41 -8.38
CA PHE C 46 20.64 -18.29 -8.30
C PHE C 46 19.37 -18.68 -7.56
N LEU C 47 19.49 -19.59 -6.60
CA LEU C 47 18.37 -19.97 -5.75
C LEU C 47 18.78 -19.85 -4.29
N SER C 48 20.06 -20.14 -4.01
CA SER C 48 20.65 -19.97 -2.67
C SER C 48 19.90 -20.80 -1.63
N SER C 49 19.45 -21.99 -2.03
CA SER C 49 18.73 -22.91 -1.15
C SER C 49 17.52 -22.22 -0.53
N TYR C 50 16.75 -21.53 -1.40
CA TYR C 50 15.63 -20.69 -0.97
C TYR C 50 16.10 -19.64 0.04
N SER C 51 17.22 -18.99 -0.30
CA SER C 51 17.82 -17.92 0.51
C SER C 51 18.35 -18.42 1.84
N ALA C 52 18.81 -19.67 1.90
CA ALA C 52 19.38 -20.22 3.12
C ALA C 52 20.90 -20.06 3.19
N VAL C 53 21.57 -19.98 2.03
CA VAL C 53 23.01 -19.79 2.00
C VAL C 53 23.32 -18.39 1.47
N ASN C 54 22.76 -17.37 2.12
CA ASN C 54 23.05 -16.00 1.71
C ASN C 54 24.52 -15.65 1.88
N GLN C 55 25.20 -16.31 2.81
CA GLN C 55 26.63 -16.09 3.04
C GLN C 55 27.50 -16.92 2.11
N GLY C 56 26.90 -17.64 1.16
CA GLY C 56 27.65 -18.50 0.27
C GLY C 56 27.74 -19.92 0.78
N HIS C 57 28.01 -20.84 -0.16
CA HIS C 57 28.13 -22.25 0.19
C HIS C 57 29.42 -22.49 0.94
N CYS C 58 29.31 -23.01 2.17
CA CYS C 58 30.45 -23.39 3.00
C CYS C 58 31.38 -22.19 3.23
N HIS C 59 30.82 -21.13 3.80
CA HIS C 59 31.61 -19.97 4.17
C HIS C 59 32.64 -20.39 5.21
N PRO C 60 33.93 -20.09 5.01
CA PRO C 60 34.96 -20.67 5.89
C PRO C 60 34.80 -20.31 7.35
N LYS C 61 34.29 -19.11 7.67
CA LYS C 61 34.14 -18.73 9.06
C LYS C 61 33.08 -19.57 9.76
N ILE C 62 31.96 -19.84 9.08
CA ILE C 62 30.92 -20.67 9.68
C ILE C 62 31.39 -22.12 9.76
N VAL C 63 32.16 -22.57 8.77
CA VAL C 63 32.68 -23.95 8.81
C VAL C 63 33.68 -24.11 9.94
N ASN C 64 34.51 -23.08 10.18
CA ASN C 64 35.50 -23.16 11.25
C ASN C 64 34.82 -23.15 12.62
N ALA C 65 33.83 -22.26 12.80
CA ALA C 65 33.09 -22.22 14.06
C ALA C 65 32.38 -23.54 14.31
N LEU C 66 31.85 -24.15 13.25
CA LEU C 66 31.22 -25.46 13.38
C LEU C 66 32.24 -26.51 13.79
N LYS C 67 33.30 -26.68 12.98
CA LYS C 67 34.32 -27.67 13.26
C LYS C 67 34.90 -27.53 14.65
N SER C 68 35.02 -26.30 15.15
CA SER C 68 35.56 -26.09 16.49
C SER C 68 34.59 -26.59 17.56
N GLN C 69 33.28 -26.49 17.31
CA GLN C 69 32.30 -26.83 18.34
C GLN C 69 31.98 -28.32 18.36
N VAL C 70 32.11 -29.01 17.21
CA VAL C 70 31.75 -30.42 17.16
C VAL C 70 32.66 -31.25 18.05
N ASP C 71 33.93 -30.83 18.19
CA ASP C 71 34.85 -31.57 19.03
C ASP C 71 34.50 -31.46 20.52
N LYS C 72 33.86 -30.36 20.91
CA LYS C 72 33.59 -30.09 22.33
C LYS C 72 32.25 -30.67 22.77
N LEU C 73 31.17 -30.21 22.16
CA LEU C 73 29.83 -30.59 22.60
C LEU C 73 28.84 -30.26 21.49
N THR C 74 27.83 -31.12 21.33
CA THR C 74 26.86 -30.99 20.25
C THR C 74 25.42 -30.89 20.75
N LEU C 75 25.01 -31.76 21.68
CA LEU C 75 23.62 -31.74 22.14
C LEU C 75 23.56 -32.22 23.57
N THR C 76 23.18 -31.33 24.49
CA THR C 76 23.03 -31.70 25.89
C THR C 76 21.57 -31.91 26.29
N SER C 77 20.63 -31.68 25.37
CA SER C 77 19.20 -31.53 25.66
C SER C 77 18.97 -30.31 26.54
N ARG C 78 17.90 -29.57 26.28
CA ARG C 78 17.68 -28.39 27.11
C ARG C 78 17.20 -28.72 28.53
N ALA C 79 17.18 -30.01 28.89
CA ALA C 79 17.06 -30.39 30.29
C ALA C 79 18.22 -29.87 31.14
N PHE C 80 19.37 -29.61 30.53
CA PHE C 80 20.53 -29.08 31.23
C PHE C 80 21.03 -27.83 30.51
N TYR C 81 21.64 -26.93 31.28
CA TYR C 81 22.19 -25.71 30.70
C TYR C 81 23.45 -26.01 29.87
N ASN C 82 23.66 -25.19 28.85
CA ASN C 82 24.90 -25.21 28.09
C ASN C 82 25.46 -23.79 28.01
N ASN C 83 26.78 -23.71 27.82
CA ASN C 83 27.47 -22.42 27.92
C ASN C 83 27.25 -21.51 26.73
N VAL C 84 26.87 -22.06 25.57
CA VAL C 84 26.78 -21.25 24.36
C VAL C 84 25.41 -20.61 24.16
N LEU C 85 24.36 -21.16 24.76
CA LEU C 85 23.02 -20.65 24.51
C LEU C 85 22.86 -19.21 25.00
N GLY C 86 23.39 -18.91 26.19
CA GLY C 86 23.29 -17.55 26.70
C GLY C 86 24.08 -16.56 25.86
N GLU C 87 25.22 -16.98 25.33
CA GLU C 87 26.02 -16.08 24.48
C GLU C 87 25.32 -15.81 23.16
N TYR C 88 24.70 -16.84 22.58
CA TYR C 88 23.95 -16.64 21.34
C TYR C 88 22.70 -15.80 21.57
N GLU C 89 22.02 -16.02 22.69
CA GLU C 89 20.80 -15.28 22.97
C GLU C 89 21.09 -13.80 23.20
N GLU C 90 22.19 -13.49 23.91
CA GLU C 90 22.54 -12.09 24.14
C GLU C 90 22.97 -11.42 22.85
N TYR C 91 23.64 -12.15 21.96
CA TYR C 91 24.11 -11.56 20.71
C TYR C 91 22.95 -11.28 19.76
N ILE C 92 22.00 -12.21 19.66
CA ILE C 92 20.89 -12.03 18.72
C ILE C 92 19.92 -10.97 19.23
N THR C 93 19.73 -10.89 20.56
CA THR C 93 18.78 -9.91 21.10
C THR C 93 19.35 -8.50 21.02
N LYS C 94 20.66 -8.35 21.21
CA LYS C 94 21.28 -7.04 21.07
C LYS C 94 21.41 -6.63 19.61
N LEU C 95 21.48 -7.61 18.70
CA LEU C 95 21.63 -7.28 17.28
C LEU C 95 20.31 -6.77 16.69
N PHE C 96 19.20 -7.36 17.11
CA PHE C 96 17.88 -7.02 16.59
C PHE C 96 17.04 -6.19 17.55
N ASN C 97 17.58 -5.87 18.73
CA ASN C 97 16.96 -4.94 19.68
C ASN C 97 15.59 -5.44 20.14
N TYR C 98 15.60 -6.65 20.72
CA TYR C 98 14.43 -7.21 21.38
C TYR C 98 14.86 -7.79 22.72
N HIS C 99 13.89 -7.96 23.61
CA HIS C 99 14.20 -8.41 24.96
C HIS C 99 14.72 -9.84 24.97
N LYS C 100 13.95 -10.77 24.39
CA LYS C 100 14.30 -12.18 24.46
C LYS C 100 14.10 -12.83 23.09
N VAL C 101 14.64 -14.04 22.96
CA VAL C 101 14.51 -14.85 21.75
C VAL C 101 14.17 -16.26 22.16
N LEU C 102 13.48 -16.98 21.27
CA LEU C 102 13.15 -18.38 21.50
C LEU C 102 13.82 -19.22 20.41
N PRO C 103 14.74 -20.12 20.75
CA PRO C 103 15.46 -20.85 19.70
C PRO C 103 14.73 -22.09 19.22
N MET C 104 14.58 -22.21 17.90
CA MET C 104 14.01 -23.41 17.28
C MET C 104 14.94 -23.90 16.19
N ASN C 105 14.52 -24.91 15.44
CA ASN C 105 15.37 -25.49 14.42
C ASN C 105 14.97 -25.03 13.02
N THR C 106 13.78 -25.44 12.58
CA THR C 106 13.31 -25.15 11.24
C THR C 106 12.33 -23.98 11.25
N GLY C 107 11.93 -23.57 10.04
CA GLY C 107 11.03 -22.44 9.91
C GLY C 107 9.61 -22.74 10.38
N VAL C 108 9.16 -23.98 10.20
CA VAL C 108 7.84 -24.36 10.69
C VAL C 108 7.75 -24.16 12.20
N GLU C 109 8.79 -24.56 12.93
CA GLU C 109 8.78 -24.43 14.38
C GLU C 109 8.78 -22.98 14.82
N ALA C 110 9.42 -22.10 14.04
CA ALA C 110 9.36 -20.67 14.37
C ALA C 110 7.96 -20.11 14.13
N GLY C 111 7.30 -20.55 13.05
CA GLY C 111 5.94 -20.10 12.80
C GLY C 111 4.96 -20.65 13.81
N GLU C 112 5.11 -21.93 14.17
CA GLU C 112 4.25 -22.50 15.21
C GLU C 112 4.48 -21.82 16.55
N THR C 113 5.74 -21.44 16.83
CA THR C 113 6.03 -20.73 18.08
C THR C 113 5.38 -19.36 18.09
N ALA C 114 5.40 -18.66 16.95
CA ALA C 114 4.76 -17.35 16.86
C ALA C 114 3.25 -17.46 17.07
N CYS C 115 2.62 -18.48 16.47
CA CYS C 115 1.20 -18.67 16.64
C CYS C 115 0.85 -19.03 18.08
N LYS C 116 1.69 -19.85 18.73
CA LYS C 116 1.44 -20.22 20.11
C LYS C 116 1.65 -19.03 21.04
N LEU C 117 2.67 -18.21 20.78
CA LEU C 117 2.85 -16.99 21.56
C LEU C 117 1.68 -16.04 21.36
N ALA C 118 1.18 -15.93 20.13
CA ALA C 118 0.07 -15.02 19.85
C ALA C 118 -1.19 -15.45 20.57
N ARG C 119 -1.51 -16.75 20.53
CA ARG C 119 -2.72 -17.23 21.19
C ARG C 119 -2.61 -17.13 22.70
N LYS C 120 -1.45 -17.51 23.26
CA LYS C 120 -1.28 -17.44 24.71
C LYS C 120 -1.34 -16.00 25.20
N TRP C 121 -0.75 -15.07 24.43
CA TRP C 121 -0.83 -13.65 24.79
C TRP C 121 -2.25 -13.13 24.63
N GLY C 122 -2.97 -13.59 23.61
CA GLY C 122 -4.34 -13.14 23.43
C GLY C 122 -5.26 -13.55 24.55
N TYR C 123 -5.00 -14.72 25.14
CA TYR C 123 -5.84 -15.23 26.22
C TYR C 123 -5.44 -14.68 27.58
N THR C 124 -4.13 -14.68 27.87
CA THR C 124 -3.63 -14.35 29.19
C THR C 124 -3.29 -12.87 29.37
N VAL C 125 -3.27 -12.09 28.28
CA VAL C 125 -2.98 -10.66 28.34
C VAL C 125 -4.10 -9.83 27.73
N LYS C 126 -4.47 -10.14 26.49
CA LYS C 126 -5.55 -9.38 25.85
C LYS C 126 -6.91 -9.73 26.46
N GLY C 127 -7.07 -10.96 26.96
CA GLY C 127 -8.31 -11.37 27.58
C GLY C 127 -9.30 -12.04 26.65
N ILE C 128 -8.86 -12.55 25.50
CA ILE C 128 -9.77 -13.19 24.57
C ILE C 128 -10.37 -14.44 25.22
N GLN C 129 -11.63 -14.72 24.89
CA GLN C 129 -12.37 -15.78 25.57
C GLN C 129 -11.89 -17.16 25.15
N LYS C 130 -11.91 -18.08 26.13
CA LYS C 130 -11.69 -19.51 25.96
C LYS C 130 -10.63 -19.84 24.90
N TYR C 131 -11.02 -20.59 23.88
CA TYR C 131 -10.13 -20.86 22.75
C TYR C 131 -10.74 -20.33 21.47
N LYS C 132 -10.95 -19.01 21.42
CA LYS C 132 -11.63 -18.36 20.31
C LYS C 132 -10.75 -17.34 19.60
N ALA C 133 -9.47 -17.24 19.98
CA ALA C 133 -8.57 -16.31 19.32
C ALA C 133 -8.35 -16.70 17.86
N LYS C 134 -8.21 -15.69 17.02
CA LYS C 134 -7.99 -15.89 15.59
C LYS C 134 -6.69 -15.20 15.18
N ILE C 135 -5.98 -15.83 14.24
CA ILE C 135 -4.77 -15.28 13.65
C ILE C 135 -5.04 -15.02 12.18
N VAL C 136 -4.69 -13.83 11.72
CA VAL C 136 -4.98 -13.40 10.35
C VAL C 136 -3.72 -13.61 9.51
N PHE C 137 -3.90 -14.20 8.32
CA PHE C 137 -2.83 -14.41 7.37
C PHE C 137 -3.17 -13.72 6.05
N ALA C 138 -2.16 -13.56 5.21
CA ALA C 138 -2.33 -12.94 3.91
C ALA C 138 -2.48 -14.01 2.83
N ALA C 139 -3.21 -13.65 1.77
CA ALA C 139 -3.43 -14.58 0.68
C ALA C 139 -2.11 -14.91 -0.02
N GLY C 140 -1.91 -16.19 -0.31
CA GLY C 140 -0.67 -16.63 -0.92
C GLY C 140 0.49 -16.74 0.04
N ASN C 141 0.23 -16.74 1.35
CA ASN C 141 1.30 -16.83 2.32
C ASN C 141 1.90 -18.23 2.34
N PHE C 142 3.08 -18.33 2.93
CA PHE C 142 3.76 -19.62 3.09
C PHE C 142 4.67 -19.55 4.30
N TRP C 143 4.52 -20.52 5.22
CA TRP C 143 5.44 -20.61 6.35
C TRP C 143 5.70 -22.05 6.74
N GLY C 144 5.62 -22.99 5.80
CA GLY C 144 6.01 -24.37 6.04
C GLY C 144 4.94 -25.33 5.58
N ARG C 145 5.16 -26.61 5.90
CA ARG C 145 4.31 -27.70 5.41
C ARG C 145 3.65 -28.47 6.55
N THR C 146 3.62 -27.91 7.77
CA THR C 146 2.88 -28.56 8.84
C THR C 146 1.38 -28.42 8.61
N LEU C 147 0.60 -29.16 9.41
CA LEU C 147 -0.85 -29.10 9.28
C LEU C 147 -1.37 -27.70 9.56
N SER C 148 -0.80 -27.02 10.56
CA SER C 148 -1.21 -25.65 10.85
C SER C 148 -0.71 -24.68 9.80
N ALA C 149 0.46 -24.94 9.21
CA ALA C 149 0.98 -24.06 8.18
C ALA C 149 0.13 -24.17 6.91
N ILE C 150 -0.24 -25.38 6.52
CA ILE C 150 -1.06 -25.55 5.32
C ILE C 150 -2.52 -25.20 5.58
N SER C 151 -2.94 -25.11 6.84
CA SER C 151 -4.32 -24.74 7.13
C SER C 151 -4.61 -23.29 6.75
N SER C 152 -3.60 -22.42 6.82
CA SER C 152 -3.74 -21.02 6.45
C SER C 152 -3.24 -20.74 5.04
N SER C 153 -2.97 -21.78 4.25
CA SER C 153 -2.46 -21.61 2.90
C SER C 153 -3.60 -21.50 1.90
N THR C 154 -3.41 -20.64 0.90
CA THR C 154 -4.33 -20.56 -0.23
C THR C 154 -3.87 -21.40 -1.41
N ASP C 155 -2.66 -21.95 -1.37
CA ASP C 155 -2.13 -22.81 -2.41
C ASP C 155 -2.73 -24.21 -2.26
N PRO C 156 -3.54 -24.66 -3.24
CA PRO C 156 -4.18 -25.98 -3.10
C PRO C 156 -3.21 -27.13 -2.93
N THR C 157 -2.07 -27.09 -3.63
CA THR C 157 -1.09 -28.17 -3.52
C THR C 157 -0.53 -28.31 -2.11
N SER C 158 -0.74 -27.33 -1.23
CA SER C 158 -0.24 -27.41 0.13
C SER C 158 -1.21 -28.07 1.09
N TYR C 159 -2.52 -27.86 0.90
CA TYR C 159 -3.52 -28.34 1.84
C TYR C 159 -4.50 -29.36 1.28
N ASP C 160 -4.63 -29.48 -0.04
CA ASP C 160 -5.64 -30.36 -0.61
C ASP C 160 -5.35 -31.82 -0.24
N GLY C 161 -6.31 -32.46 0.41
CA GLY C 161 -6.18 -33.85 0.79
C GLY C 161 -5.44 -34.09 2.08
N PHE C 162 -5.28 -33.07 2.92
CA PHE C 162 -4.52 -33.19 4.16
C PHE C 162 -5.41 -33.00 5.38
N GLY C 163 -6.63 -33.54 5.30
CA GLY C 163 -7.51 -33.65 6.45
C GLY C 163 -8.12 -32.34 6.90
N PRO C 164 -8.89 -32.40 7.99
CA PRO C 164 -9.48 -31.18 8.54
C PRO C 164 -8.38 -30.23 9.02
N PHE C 165 -8.62 -28.94 8.84
CA PHE C 165 -7.59 -27.92 9.03
C PHE C 165 -7.76 -27.21 10.36
N MET C 166 -6.69 -26.53 10.76
CA MET C 166 -6.65 -25.85 12.05
C MET C 166 -7.64 -24.69 12.09
N PRO C 167 -8.60 -24.69 13.01
CA PRO C 167 -9.50 -23.54 13.14
C PRO C 167 -8.78 -22.34 13.73
N GLY C 168 -9.43 -21.18 13.61
CA GLY C 168 -8.84 -19.95 14.12
C GLY C 168 -7.87 -19.28 13.19
N PHE C 169 -7.88 -19.63 11.90
CA PHE C 169 -7.01 -19.00 10.90
C PHE C 169 -7.87 -18.28 9.88
N ASP C 170 -7.82 -16.95 9.90
CA ASP C 170 -8.51 -16.13 8.91
C ASP C 170 -7.53 -15.71 7.83
N ILE C 171 -8.06 -15.47 6.62
CA ILE C 171 -7.25 -15.17 5.45
C ILE C 171 -7.79 -13.91 4.79
N ILE C 172 -6.93 -12.91 4.62
CA ILE C 172 -7.26 -11.69 3.88
C ILE C 172 -6.32 -11.61 2.71
N PRO C 173 -6.67 -10.82 1.68
CA PRO C 173 -5.74 -10.62 0.57
C PRO C 173 -4.45 -9.95 1.01
N TYR C 174 -3.41 -10.13 0.21
CA TYR C 174 -2.11 -9.54 0.49
C TYR C 174 -2.02 -8.14 -0.09
N ASN C 175 -1.23 -7.29 0.57
CA ASN C 175 -1.04 -5.90 0.16
C ASN C 175 -2.39 -5.17 0.08
N ASP C 176 -3.15 -5.23 1.17
CA ASP C 176 -4.49 -4.66 1.23
C ASP C 176 -4.68 -4.10 2.63
N LEU C 177 -4.51 -2.79 2.78
CA LEU C 177 -4.72 -2.12 4.06
C LEU C 177 -6.21 -2.08 4.44
N PRO C 178 -7.13 -1.76 3.52
CA PRO C 178 -8.56 -1.83 3.89
C PRO C 178 -9.01 -3.22 4.32
N ALA C 179 -8.45 -4.27 3.73
CA ALA C 179 -8.83 -5.62 4.14
C ALA C 179 -8.32 -5.95 5.54
N LEU C 180 -7.11 -5.49 5.86
CA LEU C 180 -6.60 -5.68 7.21
C LEU C 180 -7.39 -4.86 8.22
N GLU C 181 -7.77 -3.64 7.86
CA GLU C 181 -8.54 -2.80 8.76
C GLU C 181 -9.92 -3.40 9.02
N ARG C 182 -10.52 -4.02 8.00
CA ARG C 182 -11.80 -4.69 8.19
C ARG C 182 -11.65 -5.94 9.04
N ALA C 183 -10.56 -6.68 8.85
CA ALA C 183 -10.38 -7.94 9.59
C ALA C 183 -10.08 -7.69 11.06
N LEU C 184 -9.33 -6.64 11.37
CA LEU C 184 -8.97 -6.36 12.75
C LEU C 184 -10.13 -5.82 13.57
N GLN C 185 -11.32 -5.69 12.99
CA GLN C 185 -12.48 -5.26 13.78
C GLN C 185 -12.95 -6.36 14.72
N ASP C 186 -12.68 -7.62 14.38
CA ASP C 186 -12.97 -8.73 15.27
C ASP C 186 -12.08 -8.66 16.50
N PRO C 187 -12.63 -8.45 17.70
CA PRO C 187 -11.77 -8.31 18.88
C PRO C 187 -11.05 -9.58 19.29
N ASN C 188 -11.34 -10.71 18.67
CA ASN C 188 -10.67 -11.97 18.97
C ASN C 188 -9.39 -12.16 18.16
N VAL C 189 -9.06 -11.23 17.27
CA VAL C 189 -7.82 -11.34 16.50
C VAL C 189 -6.65 -11.05 17.42
N ALA C 190 -5.82 -12.07 17.67
CA ALA C 190 -4.67 -11.93 18.53
C ALA C 190 -3.43 -11.44 17.80
N ALA C 191 -3.24 -11.84 16.54
CA ALA C 191 -2.06 -11.46 15.80
C ALA C 191 -2.34 -11.49 14.31
N PHE C 192 -1.46 -10.83 13.55
CA PHE C 192 -1.48 -10.84 12.10
C PHE C 192 -0.07 -11.17 11.62
N MET C 193 0.12 -12.40 11.16
CA MET C 193 1.41 -12.83 10.64
C MET C 193 1.46 -12.57 9.14
N VAL C 194 2.53 -11.89 8.70
CA VAL C 194 2.69 -11.54 7.29
C VAL C 194 4.17 -11.56 6.96
N GLU C 195 4.48 -11.75 5.68
CA GLU C 195 5.84 -11.66 5.15
C GLU C 195 6.04 -10.30 4.53
N PRO C 196 7.16 -9.62 4.79
CA PRO C 196 7.41 -8.34 4.11
C PRO C 196 7.45 -8.48 2.60
N ILE C 197 7.92 -9.62 2.09
CA ILE C 197 7.85 -9.96 0.67
C ILE C 197 7.53 -11.44 0.56
N GLN C 198 6.45 -11.78 -0.12
CA GLN C 198 6.02 -13.17 -0.26
C GLN C 198 6.89 -13.86 -1.31
N GLY C 199 7.84 -14.67 -0.85
CA GLY C 199 8.75 -15.34 -1.74
C GLY C 199 8.17 -16.55 -2.45
N GLU C 200 7.61 -17.49 -1.67
CA GLU C 200 7.03 -18.69 -2.25
C GLU C 200 5.86 -18.36 -3.18
N ALA C 201 5.15 -17.27 -2.90
CA ALA C 201 4.08 -16.83 -3.79
C ALA C 201 4.61 -16.30 -5.11
N GLY C 202 5.88 -15.93 -5.17
CA GLY C 202 6.47 -15.45 -6.40
C GLY C 202 7.19 -14.12 -6.27
N VAL C 203 7.84 -13.91 -5.12
CA VAL C 203 8.57 -12.67 -4.84
C VAL C 203 7.68 -11.47 -5.12
N VAL C 204 6.48 -11.46 -4.55
CA VAL C 204 5.57 -10.33 -4.72
C VAL C 204 5.92 -9.28 -3.68
N VAL C 205 5.87 -8.02 -4.08
CA VAL C 205 6.32 -6.91 -3.26
C VAL C 205 5.13 -6.00 -2.98
N PRO C 206 4.79 -5.74 -1.71
CA PRO C 206 3.69 -4.83 -1.43
C PRO C 206 4.07 -3.38 -1.74
N ASP C 207 3.03 -2.56 -1.88
CA ASP C 207 3.24 -1.15 -2.20
C ASP C 207 3.95 -0.45 -1.05
N PRO C 208 4.68 0.62 -1.34
CA PRO C 208 5.31 1.40 -0.26
C PRO C 208 4.27 1.96 0.69
N GLY C 209 4.57 1.87 1.99
CA GLY C 209 3.63 2.28 3.01
C GLY C 209 2.77 1.16 3.57
N TYR C 210 2.89 -0.06 3.03
CA TYR C 210 2.05 -1.16 3.51
C TYR C 210 2.48 -1.60 4.90
N LEU C 211 3.78 -1.71 5.15
CA LEU C 211 4.25 -2.18 6.46
C LEU C 211 3.95 -1.16 7.55
N MET C 212 4.03 0.13 7.22
CA MET C 212 3.64 1.16 8.18
C MET C 212 2.16 1.07 8.50
N GLY C 213 1.32 0.81 7.48
CA GLY C 213 -0.10 0.66 7.73
C GLY C 213 -0.42 -0.57 8.56
N VAL C 214 0.33 -1.65 8.34
CA VAL C 214 0.10 -2.86 9.12
C VAL C 214 0.43 -2.62 10.59
N ARG C 215 1.57 -1.98 10.86
CA ARG C 215 1.93 -1.66 12.24
C ARG C 215 0.93 -0.69 12.86
N GLU C 216 0.50 0.31 12.10
CA GLU C 216 -0.47 1.26 12.62
C GLU C 216 -1.79 0.57 12.98
N LEU C 217 -2.26 -0.33 12.11
CA LEU C 217 -3.52 -1.01 12.36
C LEU C 217 -3.40 -2.02 13.50
N CYS C 218 -2.25 -2.69 13.61
CA CYS C 218 -2.08 -3.68 14.67
C CYS C 218 -1.98 -3.00 16.03
N THR C 219 -1.33 -1.83 16.11
CA THR C 219 -1.24 -1.11 17.37
C THR C 219 -2.59 -0.51 17.77
N ARG C 220 -3.34 -0.03 16.78
CA ARG C 220 -4.63 0.60 17.07
C ARG C 220 -5.64 -0.40 17.63
N HIS C 221 -5.61 -1.65 17.16
CA HIS C 221 -6.58 -2.65 17.57
C HIS C 221 -5.99 -3.69 18.52
N GLN C 222 -4.84 -3.39 19.12
CA GLN C 222 -4.19 -4.28 20.09
C GLN C 222 -3.97 -5.67 19.48
N VAL C 223 -3.27 -5.67 18.34
CA VAL C 223 -3.00 -6.88 17.58
C VAL C 223 -1.50 -7.05 17.46
N LEU C 224 -1.01 -8.28 17.63
CA LEU C 224 0.40 -8.57 17.53
C LEU C 224 0.83 -8.62 16.08
N PHE C 225 1.81 -7.80 15.71
CA PHE C 225 2.38 -7.82 14.37
C PHE C 225 3.50 -8.86 14.34
N ILE C 226 3.29 -9.93 13.58
CA ILE C 226 4.27 -10.99 13.40
C ILE C 226 4.84 -10.88 11.99
N ALA C 227 6.16 -10.71 11.89
CA ALA C 227 6.85 -10.55 10.61
C ALA C 227 7.65 -11.82 10.33
N ASP C 228 7.27 -12.53 9.28
CA ASP C 228 7.99 -13.75 8.89
C ASP C 228 9.13 -13.36 7.99
N GLU C 229 10.32 -13.19 8.57
CA GLU C 229 11.52 -12.81 7.85
C GLU C 229 12.48 -13.99 7.68
N ILE C 230 11.94 -15.21 7.61
CA ILE C 230 12.80 -16.39 7.49
C ILE C 230 13.50 -16.41 6.14
N GLN C 231 12.81 -15.98 5.09
CA GLN C 231 13.41 -15.94 3.76
C GLN C 231 13.80 -14.54 3.32
N THR C 232 13.11 -13.51 3.82
CA THR C 232 13.37 -12.14 3.42
C THR C 232 14.42 -11.44 4.27
N GLY C 233 14.62 -11.89 5.51
CA GLY C 233 15.55 -11.24 6.40
C GLY C 233 16.99 -11.60 6.13
N LEU C 234 17.88 -11.05 6.96
CA LEU C 234 19.30 -11.35 6.97
C LEU C 234 19.96 -10.96 5.64
N ALA C 235 19.84 -9.67 5.32
CA ALA C 235 20.56 -8.95 4.28
C ALA C 235 20.21 -9.34 2.85
N ARG C 236 19.21 -10.20 2.63
CA ARG C 236 18.89 -10.57 1.26
C ARG C 236 18.22 -9.43 0.51
N THR C 237 17.23 -8.78 1.14
CA THR C 237 16.54 -7.66 0.52
C THR C 237 17.33 -6.36 0.58
N GLY C 238 18.45 -6.34 1.28
CA GLY C 238 19.26 -5.14 1.43
C GLY C 238 19.36 -4.60 2.84
N ARG C 239 18.57 -5.11 3.78
CA ARG C 239 18.61 -4.68 5.17
C ARG C 239 18.68 -5.91 6.07
N TRP C 240 18.99 -5.68 7.35
CA TRP C 240 18.95 -6.77 8.32
C TRP C 240 17.58 -7.43 8.33
N LEU C 241 16.52 -6.61 8.33
CA LEU C 241 15.16 -7.07 8.18
C LEU C 241 14.50 -6.28 7.06
N ALA C 242 13.64 -6.94 6.28
CA ALA C 242 12.98 -6.25 5.19
C ALA C 242 12.04 -5.15 5.70
N VAL C 243 11.57 -5.26 6.95
CA VAL C 243 10.75 -4.21 7.53
C VAL C 243 11.56 -2.95 7.81
N ASP C 244 12.89 -3.05 7.83
CA ASP C 244 13.73 -1.88 8.04
C ASP C 244 13.69 -0.92 6.86
N TYR C 245 13.14 -1.32 5.72
CA TYR C 245 12.97 -0.41 4.61
C TYR C 245 11.99 0.71 4.96
N GLU C 246 10.99 0.42 5.77
CA GLU C 246 10.06 1.42 6.26
C GLU C 246 10.22 1.68 7.76
N ASN C 247 11.20 1.03 8.40
CA ASN C 247 11.51 1.22 9.82
C ASN C 247 10.28 0.97 10.69
N VAL C 248 9.76 -0.25 10.59
CA VAL C 248 8.64 -0.72 11.39
C VAL C 248 9.16 -1.78 12.34
N ARG C 249 8.76 -1.70 13.62
CA ARG C 249 9.20 -2.66 14.61
C ARG C 249 8.05 -3.63 14.92
N PRO C 250 8.03 -4.82 14.31
CA PRO C 250 6.96 -5.77 14.61
C PRO C 250 7.05 -6.29 16.03
N ASP C 251 5.92 -6.80 16.52
CA ASP C 251 5.88 -7.36 17.87
C ASP C 251 6.68 -8.65 17.96
N ILE C 252 6.53 -9.53 16.96
CA ILE C 252 7.25 -10.79 16.91
C ILE C 252 7.95 -10.89 15.55
N VAL C 253 9.22 -11.29 15.57
CA VAL C 253 10.02 -11.42 14.37
C VAL C 253 10.43 -12.88 14.23
N LEU C 254 10.24 -13.45 13.04
CA LEU C 254 10.63 -14.82 12.73
C LEU C 254 11.88 -14.80 11.85
N LEU C 255 12.95 -15.41 12.34
CA LEU C 255 14.21 -15.52 11.61
C LEU C 255 14.53 -16.98 11.34
N GLY C 256 15.18 -17.23 10.21
CA GLY C 256 15.65 -18.57 9.86
C GLY C 256 16.39 -18.69 8.54
N LYS C 257 16.59 -19.94 8.09
CA LYS C 257 17.29 -20.21 6.84
C LYS C 257 18.71 -19.62 6.79
N ALA C 258 18.86 -18.33 6.51
CA ALA C 258 20.18 -17.70 6.43
C ALA C 258 20.83 -17.54 7.81
N LEU C 259 20.11 -17.96 8.86
CA LEU C 259 20.62 -17.81 10.21
C LEU C 259 21.83 -18.68 10.49
N SER C 260 22.05 -19.74 9.69
CA SER C 260 23.19 -20.62 9.87
C SER C 260 24.03 -20.82 8.62
N GLY C 261 23.73 -20.10 7.54
CA GLY C 261 24.50 -20.27 6.32
C GLY C 261 24.35 -21.61 5.65
N GLY C 262 23.28 -22.35 5.96
CA GLY C 262 23.07 -23.66 5.36
C GLY C 262 23.79 -24.80 6.05
N LEU C 263 24.46 -24.54 7.17
CA LEU C 263 25.22 -25.57 7.86
C LEU C 263 24.45 -26.26 8.97
N TYR C 264 23.28 -25.72 9.37
CA TYR C 264 22.54 -26.29 10.48
C TYR C 264 21.12 -25.74 10.45
N PRO C 265 20.11 -26.54 10.79
CA PRO C 265 18.75 -25.99 10.89
C PRO C 265 18.57 -25.17 12.15
N VAL C 266 18.62 -23.84 12.02
CA VAL C 266 18.49 -22.93 13.15
C VAL C 266 17.45 -21.86 12.80
N SER C 267 16.55 -21.59 13.73
CA SER C 267 15.56 -20.54 13.59
C SER C 267 15.38 -19.83 14.92
N ALA C 268 14.85 -18.62 14.87
CA ALA C 268 14.72 -17.78 16.06
C ALA C 268 13.40 -17.02 16.04
N VAL C 269 12.86 -16.80 17.24
CA VAL C 269 11.62 -16.05 17.42
C VAL C 269 11.91 -14.94 18.43
N LEU C 270 11.96 -13.70 17.97
CA LEU C 270 12.31 -12.56 18.80
C LEU C 270 11.07 -11.74 19.13
N CYS C 271 10.95 -11.35 20.41
CA CYS C 271 9.91 -10.45 20.87
C CYS C 271 10.30 -9.99 22.27
N ASP C 272 9.49 -9.09 22.83
CA ASP C 272 9.80 -8.49 24.12
C ASP C 272 9.31 -9.38 25.26
N ASP C 273 9.45 -8.88 26.50
CA ASP C 273 9.18 -9.70 27.68
C ASP C 273 7.69 -9.94 27.85
N ASP C 274 6.88 -8.88 27.79
CA ASP C 274 5.44 -9.02 28.03
C ASP C 274 4.75 -9.90 27.00
N ILE C 275 5.42 -10.24 25.91
CA ILE C 275 4.88 -11.17 24.92
C ILE C 275 5.48 -12.56 25.08
N MET C 276 6.79 -12.63 25.37
CA MET C 276 7.48 -13.91 25.46
C MET C 276 7.17 -14.64 26.76
N LEU C 277 7.15 -13.91 27.88
CA LEU C 277 7.00 -14.54 29.19
C LEU C 277 5.61 -15.10 29.43
N THR C 278 4.69 -14.97 28.46
CA THR C 278 3.40 -15.63 28.57
C THR C 278 3.53 -17.15 28.53
N ILE C 279 4.65 -17.66 28.03
CA ILE C 279 4.90 -19.10 28.01
C ILE C 279 5.69 -19.47 29.26
N LYS C 280 5.09 -20.29 30.11
CA LYS C 280 5.75 -20.72 31.34
C LYS C 280 6.65 -21.91 31.07
N PRO C 281 7.56 -22.21 31.99
CA PRO C 281 8.46 -23.35 31.79
C PRO C 281 7.70 -24.65 31.60
N GLY C 282 8.11 -25.43 30.60
CA GLY C 282 7.46 -26.68 30.30
C GLY C 282 6.23 -26.59 29.41
N GLU C 283 6.03 -25.46 28.73
CA GLU C 283 4.87 -25.31 27.84
C GLU C 283 5.23 -25.19 26.36
N HIS C 284 6.50 -24.98 26.01
CA HIS C 284 6.92 -24.98 24.62
C HIS C 284 8.41 -25.20 24.58
N GLY C 285 8.88 -25.83 23.51
CA GLY C 285 10.30 -26.08 23.37
C GLY C 285 10.56 -27.07 22.25
N SER C 286 11.82 -27.47 22.16
CA SER C 286 12.24 -28.43 21.14
C SER C 286 13.45 -29.18 21.66
N THR C 287 13.65 -30.39 21.13
CA THR C 287 14.76 -31.23 21.57
C THR C 287 16.10 -30.67 21.09
N TYR C 288 16.23 -30.43 19.78
CA TYR C 288 17.46 -29.89 19.24
C TYR C 288 17.52 -28.37 19.32
N GLY C 289 16.42 -27.71 19.65
CA GLY C 289 16.39 -26.26 19.73
C GLY C 289 17.29 -25.69 20.80
N GLY C 290 18.20 -24.80 20.40
CA GLY C 290 19.12 -24.20 21.34
C GLY C 290 20.38 -24.98 21.60
N ASN C 291 20.71 -25.96 20.77
CA ASN C 291 21.91 -26.75 20.96
C ASN C 291 23.15 -25.89 20.74
N PRO C 292 24.27 -26.20 21.42
CA PRO C 292 25.46 -25.35 21.29
C PRO C 292 26.01 -25.29 19.88
N LEU C 293 25.94 -26.39 19.12
CA LEU C 293 26.50 -26.39 17.77
C LEU C 293 25.74 -25.42 16.87
N GLY C 294 24.41 -25.48 16.90
CA GLY C 294 23.63 -24.54 16.12
C GLY C 294 23.82 -23.09 16.56
N CYS C 295 24.07 -22.89 17.86
CA CYS C 295 24.30 -21.53 18.36
C CYS C 295 25.61 -20.97 17.83
N ARG C 296 26.66 -21.80 17.77
CA ARG C 296 27.95 -21.33 17.28
C ARG C 296 27.87 -20.96 15.79
N VAL C 297 27.24 -21.82 14.99
CA VAL C 297 27.14 -21.56 13.56
C VAL C 297 26.20 -20.40 13.28
N ALA C 298 25.24 -20.15 14.18
CA ALA C 298 24.36 -19.00 14.00
C ALA C 298 25.07 -17.71 14.33
N ILE C 299 25.86 -17.70 15.40
CA ILE C 299 26.69 -16.53 15.71
C ILE C 299 27.66 -16.26 14.58
N ALA C 300 28.23 -17.32 14.00
CA ALA C 300 29.18 -17.15 12.90
C ALA C 300 28.48 -16.63 11.66
N ALA C 301 27.27 -17.10 11.38
CA ALA C 301 26.56 -16.65 10.19
C ALA C 301 26.15 -15.19 10.30
N LEU C 302 25.71 -14.77 11.49
CA LEU C 302 25.37 -13.36 11.70
C LEU C 302 26.60 -12.47 11.65
N GLU C 303 27.75 -12.98 12.11
CA GLU C 303 28.96 -12.18 12.11
C GLU C 303 29.44 -11.91 10.69
N VAL C 304 29.46 -12.94 9.84
CA VAL C 304 29.91 -12.73 8.46
C VAL C 304 28.92 -11.87 7.69
N LEU C 305 27.65 -11.87 8.11
CA LEU C 305 26.68 -10.95 7.51
C LEU C 305 27.00 -9.50 7.88
N GLU C 306 27.59 -9.28 9.06
CA GLU C 306 27.91 -7.95 9.54
C GLU C 306 29.25 -7.44 9.03
N GLU C 307 30.31 -8.22 9.20
CA GLU C 307 31.64 -7.75 8.83
C GLU C 307 31.78 -7.56 7.32
N GLU C 308 31.23 -8.47 6.53
CA GLU C 308 31.34 -8.35 5.07
C GLU C 308 30.37 -7.34 4.49
N ASN C 309 29.44 -6.80 5.29
CA ASN C 309 28.47 -5.81 4.84
C ASN C 309 27.70 -6.29 3.61
N LEU C 310 27.11 -7.48 3.75
CA LEU C 310 26.38 -8.08 2.63
C LEU C 310 25.06 -7.37 2.35
N ALA C 311 24.51 -6.64 3.32
CA ALA C 311 23.26 -5.93 3.09
C ALA C 311 23.46 -4.79 2.09
N GLU C 312 24.54 -4.04 2.23
CA GLU C 312 24.82 -2.97 1.28
C GLU C 312 25.12 -3.52 -0.11
N ASN C 313 25.87 -4.62 -0.18
CA ASN C 313 26.22 -5.19 -1.48
C ASN C 313 24.99 -5.76 -2.17
N ALA C 314 24.07 -6.36 -1.41
CA ALA C 314 22.85 -6.88 -2.02
C ALA C 314 21.94 -5.76 -2.50
N ASP C 315 21.89 -4.67 -1.74
CA ASP C 315 21.08 -3.51 -2.16
C ASP C 315 21.67 -2.87 -3.41
N LYS C 316 22.99 -2.82 -3.50
CA LYS C 316 23.63 -2.19 -4.65
C LYS C 316 23.47 -3.03 -5.92
N LEU C 317 23.69 -4.35 -5.81
CA LEU C 317 23.60 -5.22 -6.98
C LEU C 317 22.17 -5.53 -7.37
N GLY C 318 21.21 -5.36 -6.45
CA GLY C 318 19.83 -5.69 -6.78
C GLY C 318 19.23 -4.77 -7.82
N ILE C 319 19.44 -3.46 -7.68
CA ILE C 319 18.92 -2.51 -8.65
C ILE C 319 19.60 -2.69 -10.00
N ILE C 320 20.85 -3.14 -10.01
CA ILE C 320 21.53 -3.42 -11.27
C ILE C 320 20.89 -4.62 -11.97
N LEU C 321 20.60 -5.68 -11.20
CA LEU C 321 19.98 -6.87 -11.78
C LEU C 321 18.58 -6.57 -12.29
N ARG C 322 17.81 -5.79 -11.54
CA ARG C 322 16.44 -5.48 -11.95
C ARG C 322 16.43 -4.58 -13.19
N ASN C 323 17.25 -3.52 -13.19
CA ASN C 323 17.29 -2.63 -14.34
C ASN C 323 17.81 -3.35 -15.59
N GLU C 324 18.64 -4.38 -15.41
CA GLU C 324 19.13 -5.14 -16.55
C GLU C 324 18.10 -6.14 -17.05
N LEU C 325 17.28 -6.70 -16.16
CA LEU C 325 16.25 -7.64 -16.57
C LEU C 325 15.09 -6.94 -17.25
N MET C 326 14.84 -5.67 -16.90
CA MET C 326 13.78 -4.91 -17.56
C MET C 326 14.15 -4.54 -18.99
N LYS C 327 15.44 -4.61 -19.35
CA LYS C 327 15.85 -4.34 -20.72
C LYS C 327 15.46 -5.46 -21.67
N LEU C 328 15.17 -6.64 -21.15
CA LEU C 328 14.58 -7.68 -21.97
C LEU C 328 13.24 -7.21 -22.51
N PRO C 329 12.88 -7.56 -23.74
CA PRO C 329 11.68 -6.99 -24.35
C PRO C 329 10.42 -7.31 -23.55
N SER C 330 9.54 -6.32 -23.44
CA SER C 330 8.29 -6.50 -22.70
C SER C 330 7.43 -7.60 -23.28
N ASP C 331 7.65 -7.95 -24.55
CA ASP C 331 6.99 -9.11 -25.14
C ASP C 331 7.39 -10.39 -24.42
N VAL C 332 8.69 -10.56 -24.18
CA VAL C 332 9.18 -11.84 -23.68
C VAL C 332 9.06 -11.91 -22.16
N VAL C 333 9.54 -10.87 -21.46
CA VAL C 333 9.49 -10.81 -20.02
C VAL C 333 8.37 -9.85 -19.62
N THR C 334 7.35 -10.39 -18.95
CA THR C 334 6.20 -9.57 -18.58
C THR C 334 6.57 -8.52 -17.54
N ALA C 335 7.16 -8.93 -16.42
CA ALA C 335 7.48 -8.00 -15.35
C ALA C 335 8.73 -8.47 -14.62
N VAL C 336 9.38 -7.51 -13.96
CA VAL C 336 10.55 -7.76 -13.13
C VAL C 336 10.35 -7.03 -11.81
N ARG C 337 10.45 -7.75 -10.70
CA ARG C 337 10.21 -7.18 -9.38
C ARG C 337 11.19 -7.78 -8.38
N GLY C 338 11.18 -7.22 -7.17
CA GLY C 338 12.03 -7.72 -6.11
C GLY C 338 12.73 -6.63 -5.32
N LYS C 339 13.45 -7.02 -4.27
CA LYS C 339 14.23 -6.11 -3.46
C LYS C 339 15.55 -6.78 -3.07
N GLY C 340 16.63 -6.02 -3.12
CA GLY C 340 17.94 -6.59 -2.87
C GLY C 340 18.25 -7.67 -3.88
N LEU C 341 18.88 -8.74 -3.41
CA LEU C 341 19.16 -9.89 -4.26
C LEU C 341 18.04 -10.93 -4.22
N LEU C 342 16.82 -10.51 -3.91
CA LEU C 342 15.63 -11.37 -3.99
C LEU C 342 14.72 -10.78 -5.07
N ASN C 343 14.78 -11.33 -6.27
CA ASN C 343 14.06 -10.80 -7.42
C ASN C 343 13.37 -11.93 -8.16
N ALA C 344 12.53 -11.55 -9.12
CA ALA C 344 11.80 -12.51 -9.93
C ALA C 344 11.42 -11.86 -11.25
N ILE C 345 11.29 -12.68 -12.28
CA ILE C 345 10.81 -12.23 -13.58
C ILE C 345 9.59 -13.07 -13.95
N VAL C 346 8.72 -12.49 -14.75
CA VAL C 346 7.49 -13.15 -15.19
C VAL C 346 7.63 -13.46 -16.68
N ILE C 347 7.53 -14.74 -17.02
CA ILE C 347 7.60 -15.20 -18.40
C ILE C 347 6.20 -15.54 -18.88
N LYS C 348 5.81 -15.01 -20.03
CA LYS C 348 4.51 -15.35 -20.59
C LYS C 348 4.51 -16.81 -21.03
N GLU C 349 3.55 -17.58 -20.52
CA GLU C 349 3.50 -19.02 -20.75
C GLU C 349 2.66 -19.28 -21.99
N THR C 350 3.30 -19.13 -23.14
CA THR C 350 2.66 -19.41 -24.42
C THR C 350 2.78 -20.91 -24.72
N LYS C 351 2.34 -21.31 -25.91
CA LYS C 351 2.45 -22.70 -26.33
C LYS C 351 3.87 -23.09 -26.72
N ASP C 352 4.77 -22.12 -26.89
CA ASP C 352 6.12 -22.42 -27.35
C ASP C 352 7.03 -22.85 -26.21
N TRP C 353 6.75 -22.43 -24.98
CA TRP C 353 7.67 -22.66 -23.88
C TRP C 353 6.95 -22.39 -22.56
N ASP C 354 7.66 -22.60 -21.46
CA ASP C 354 7.21 -22.20 -20.13
C ASP C 354 8.45 -22.03 -19.27
N ALA C 355 8.25 -21.65 -18.01
CA ALA C 355 9.36 -21.33 -17.13
C ALA C 355 10.25 -22.55 -16.87
N TRP C 356 9.68 -23.76 -16.97
CA TRP C 356 10.48 -24.95 -16.73
C TRP C 356 11.53 -25.16 -17.84
N LYS C 357 11.13 -24.97 -19.10
CA LYS C 357 12.09 -25.08 -20.19
C LYS C 357 13.15 -23.98 -20.12
N VAL C 358 12.79 -22.80 -19.62
CA VAL C 358 13.75 -21.72 -19.50
C VAL C 358 14.82 -22.07 -18.47
N CYS C 359 14.41 -22.63 -17.33
CA CYS C 359 15.36 -23.01 -16.30
C CYS C 359 16.19 -24.21 -16.73
N LEU C 360 15.65 -25.07 -17.59
CA LEU C 360 16.43 -26.18 -18.12
C LEU C 360 17.53 -25.67 -19.03
N ARG C 361 17.21 -24.74 -19.93
CA ARG C 361 18.22 -24.16 -20.80
C ARG C 361 19.17 -23.26 -20.02
N LEU C 362 18.71 -22.66 -18.93
CA LEU C 362 19.62 -21.97 -18.02
C LEU C 362 20.62 -22.95 -17.41
N ARG C 363 20.14 -24.13 -17.00
CA ARG C 363 21.04 -25.15 -16.49
C ARG C 363 22.08 -25.55 -17.52
N ASP C 364 21.67 -25.64 -18.79
CA ASP C 364 22.59 -25.97 -19.86
C ASP C 364 23.62 -24.87 -20.10
N ASN C 365 23.31 -23.63 -19.74
CA ASN C 365 24.20 -22.50 -19.97
C ASN C 365 24.97 -22.08 -18.72
N GLY C 366 24.83 -22.81 -17.61
CA GLY C 366 25.62 -22.56 -16.44
C GLY C 366 24.96 -21.76 -15.33
N LEU C 367 23.63 -21.61 -15.36
CA LEU C 367 22.89 -20.91 -14.32
C LEU C 367 21.84 -21.84 -13.72
N LEU C 368 21.63 -21.73 -12.42
CA LEU C 368 20.68 -22.59 -11.70
C LEU C 368 19.60 -21.72 -11.08
N ALA C 369 18.39 -21.80 -11.63
CA ALA C 369 17.23 -21.11 -11.08
C ALA C 369 16.03 -22.04 -11.20
N LYS C 370 15.06 -21.86 -10.30
CA LYS C 370 13.90 -22.73 -10.26
C LYS C 370 12.62 -21.94 -10.50
N PRO C 371 11.68 -22.49 -11.27
CA PRO C 371 10.37 -21.86 -11.39
C PRO C 371 9.53 -22.11 -10.16
N THR C 372 8.71 -21.11 -9.81
CA THR C 372 7.90 -21.17 -8.61
C THR C 372 6.42 -21.35 -8.88
N HIS C 373 5.98 -21.29 -10.14
CA HIS C 373 4.57 -21.50 -10.46
C HIS C 373 4.39 -22.04 -11.88
N GLY C 374 5.39 -21.85 -12.72
CA GLY C 374 5.34 -22.30 -14.11
C GLY C 374 5.45 -21.19 -15.13
N ASP C 375 5.34 -19.93 -14.70
CA ASP C 375 5.48 -18.78 -15.57
C ASP C 375 6.35 -17.69 -14.95
N ILE C 376 6.99 -17.97 -13.82
CA ILE C 376 7.79 -16.98 -13.10
C ILE C 376 9.05 -17.65 -12.58
N ILE C 377 10.18 -16.97 -12.74
CA ILE C 377 11.50 -17.49 -12.36
C ILE C 377 12.09 -16.57 -11.30
N ARG C 378 12.58 -17.17 -10.22
CA ARG C 378 13.20 -16.41 -9.14
C ARG C 378 14.71 -16.34 -9.34
N PHE C 379 15.27 -15.14 -9.16
CA PHE C 379 16.71 -14.93 -9.20
C PHE C 379 17.17 -14.47 -7.82
N ALA C 380 17.95 -15.31 -7.14
CA ALA C 380 18.42 -15.01 -5.79
C ALA C 380 19.80 -15.64 -5.59
N PRO C 381 20.84 -15.02 -6.13
CA PRO C 381 22.20 -15.53 -5.92
C PRO C 381 22.69 -15.19 -4.53
N PRO C 382 23.75 -15.86 -4.04
CA PRO C 382 24.27 -15.54 -2.71
C PRO C 382 24.74 -14.10 -2.63
N LEU C 383 24.65 -13.53 -1.42
CA LEU C 383 24.98 -12.13 -1.24
C LEU C 383 26.46 -11.83 -1.40
N VAL C 384 27.31 -12.87 -1.38
CA VAL C 384 28.75 -12.68 -1.55
C VAL C 384 29.15 -12.47 -3.00
N ILE C 385 28.18 -12.43 -3.92
CA ILE C 385 28.51 -12.25 -5.33
C ILE C 385 29.04 -10.83 -5.56
N LYS C 386 29.88 -10.69 -6.57
CA LYS C 386 30.47 -9.42 -6.95
C LYS C 386 29.83 -8.93 -8.25
N GLU C 387 30.22 -7.71 -8.66
CA GLU C 387 29.56 -7.09 -9.80
C GLU C 387 29.91 -7.77 -11.11
N ASP C 388 31.18 -8.15 -11.29
CA ASP C 388 31.58 -8.81 -12.53
C ASP C 388 30.93 -10.18 -12.67
N GLU C 389 30.87 -10.94 -11.58
CA GLU C 389 30.19 -12.23 -11.61
C GLU C 389 28.69 -12.07 -11.84
N LEU C 390 28.10 -10.98 -11.31
CA LEU C 390 26.70 -10.73 -11.57
C LEU C 390 26.45 -10.41 -13.04
N ARG C 391 27.33 -9.61 -13.65
CA ARG C 391 27.15 -9.26 -15.05
C ARG C 391 27.37 -10.46 -15.97
N GLU C 392 28.26 -11.38 -15.59
CA GLU C 392 28.44 -12.60 -16.37
C GLU C 392 27.18 -13.46 -16.31
N SER C 393 26.57 -13.57 -15.12
CA SER C 393 25.33 -14.31 -15.00
C SER C 393 24.19 -13.60 -15.73
N ILE C 394 24.18 -12.27 -15.69
CA ILE C 394 23.19 -11.52 -16.46
C ILE C 394 23.34 -11.80 -17.95
N GLU C 395 24.59 -11.91 -18.42
CA GLU C 395 24.82 -12.29 -19.81
C GLU C 395 24.24 -13.68 -20.10
N ILE C 396 24.49 -14.63 -19.21
CA ILE C 396 23.96 -15.98 -19.40
C ILE C 396 22.44 -15.95 -19.43
N ILE C 397 21.82 -15.10 -18.61
CA ILE C 397 20.37 -14.97 -18.62
C ILE C 397 19.89 -14.39 -19.94
N ASN C 398 20.62 -13.40 -20.48
CA ASN C 398 20.24 -12.82 -21.75
C ASN C 398 20.40 -13.82 -22.89
N LYS C 399 21.41 -14.69 -22.82
CA LYS C 399 21.56 -15.75 -23.82
C LYS C 399 20.36 -16.69 -23.78
N THR C 400 19.99 -17.16 -22.59
CA THR C 400 18.96 -18.18 -22.46
C THR C 400 17.59 -17.64 -22.84
N ILE C 401 17.29 -16.40 -22.46
CA ILE C 401 15.97 -15.83 -22.73
C ILE C 401 15.78 -15.61 -24.22
N LEU C 402 16.75 -15.00 -24.89
CA LEU C 402 16.59 -14.65 -26.29
C LEU C 402 16.90 -15.79 -27.24
N SER C 403 17.33 -16.95 -26.74
CA SER C 403 17.60 -18.10 -27.59
C SER C 403 16.36 -18.98 -27.78
N PHE C 404 15.17 -18.45 -27.48
CA PHE C 404 13.93 -19.19 -27.68
C PHE C 404 13.15 -18.65 -28.87
#